data_3SAE
#
_entry.id   3SAE
#
_cell.length_a   156.091
_cell.length_b   54.843
_cell.length_c   126.319
_cell.angle_alpha   90.00
_cell.angle_beta   119.34
_cell.angle_gamma   90.00
#
_symmetry.space_group_name_H-M   'C 1 2 1'
#
loop_
_entity.id
_entity.type
_entity.pdbx_description
1 polymer 'Alpha-bisabolene synthase'
2 non-polymer 'CHLORIDE ION'
3 non-polymer 'MAGNESIUM ION'
4 non-polymer 'S-[(2E,6E)-3,7,11-TRIMETHYLDODECA-2,6,10-TRIENYL] TRIHYDROGEN THIODIPHOSPHATE'
5 non-polymer GLYCEROL
6 water water
#
_entity_poly.entity_id   1
_entity_poly.type   'polypeptide(L)'
_entity_poly.pdbx_seq_one_letter_code
;MAGVSAVSKVSSLVCDLSSTSGLIRRTANPHPNVWGYDLVHSLKSPYIDSSYRERAEVLVSEIKAMLNPAITGDGESMIT
PSAYDTAWVARVPAIDGSARPQFPQTVDWILKNQLKDGSWGIQSHFLLSDRLLATLSCVLVLLKWNVGDLQVEQGIEFIK
SNLELVKDETDQDSLVTDFEIIFPSLLREAQSLRLGLPYDLPYIHLLQTKRQERLAKLSREEIYAVPSPLLYSLEGIQDI
VEWERIMEVQSQDGSFLSSPASTACVFMHTGDAKCLEFLNSVMIKFGNFVPCLYPVDLLERLLIVDNIVRLGIYRHFEKE
IKEALDYVYRHWNERGIGWGRLNPIADLETTALGFRLLRLHRYNVSPAIFDNFKDANGKFICSTGQFNKDVASMLNLYRA
SQLAFPGENILDEAKSFATKYLREALEKSETSSAWNNKQNLSQEIKYALKTSWHASVPRVEAKRYCQVYRPDYARIAKCV
YKLPYVNNEKFLELGKLDFNIIQSIHQEEMKNVTSWFRDSGLPLFTFARERPLEFYFLVAAGTYEPQYAKCRFLFTKVAC
LQTVLDDMYDTYGTLDELKLFTEAVRRWDLSFTENLPDYMKLCYQIYYDIVHEVAWEAEKEQGRELVSFFRKGWEDYLLG
YYEEAEWLAAEYVPTLDEYIKNGITSIGQRILLLSGVLIMDGQLLSQEALEKVDYPGRRVLTELNSLISRLADDTKTYKA
EKARGELASSIECYMKDHPECTEEEALDHIYSILEPAVKELTREFLKPDDVPFACKKMLFEETRVTMVIFKDGDGFGVSK
LEVKDHIKECLIEPLPL
;
_entity_poly.pdbx_strand_id   A
#
loop_
_chem_comp.id
_chem_comp.type
_chem_comp.name
_chem_comp.formula
CL non-polymer 'CHLORIDE ION' 'Cl -1'
FPS non-polymer 'S-[(2E,6E)-3,7,11-TRIMETHYLDODECA-2,6,10-TRIENYL] TRIHYDROGEN THIODIPHOSPHATE' 'C15 H28 O6 P2 S'
GOL non-polymer GLYCEROL 'C3 H8 O3'
MG non-polymer 'MAGNESIUM ION' 'Mg 2'
#
# COMPACT_ATOMS: atom_id res chain seq x y z
N TRP A 35 28.31 12.81 10.97
CA TRP A 35 27.98 12.19 9.69
C TRP A 35 29.16 11.40 9.14
N GLY A 36 28.96 10.78 7.98
CA GLY A 36 30.02 10.01 7.34
C GLY A 36 30.71 8.99 8.25
N TYR A 37 32.03 8.92 8.15
CA TYR A 37 32.82 7.89 8.84
C TYR A 37 32.56 7.82 10.34
N ASP A 38 32.59 8.98 11.00
CA ASP A 38 32.52 9.04 12.45
C ASP A 38 31.17 8.62 13.03
N LEU A 39 30.10 9.14 12.45
CA LEU A 39 28.76 8.75 12.89
C LEU A 39 28.58 7.25 12.72
N VAL A 40 28.96 6.74 11.56
CA VAL A 40 28.64 5.36 11.21
C VAL A 40 29.43 4.37 12.05
N HIS A 41 30.71 4.63 12.28
CA HIS A 41 31.51 3.71 13.08
C HIS A 41 31.17 3.76 14.57
N SER A 42 30.35 4.74 14.97
CA SER A 42 29.88 4.84 16.34
C SER A 42 28.64 3.96 16.59
N LEU A 43 28.06 3.44 15.51
CA LEU A 43 26.88 2.59 15.63
C LEU A 43 27.29 1.20 16.08
N LYS A 44 26.52 0.60 16.99
CA LYS A 44 26.84 -0.72 17.52
C LYS A 44 25.56 -1.54 17.68
N SER A 45 24.89 -1.86 16.58
CA SER A 45 23.58 -2.49 16.69
C SER A 45 23.62 -3.94 17.17
N PRO A 46 22.89 -4.24 18.25
CA PRO A 46 22.85 -5.59 18.82
C PRO A 46 22.16 -6.58 17.88
N TYR A 47 21.36 -6.07 16.95
CA TYR A 47 20.50 -6.91 16.10
C TYR A 47 21.25 -7.69 15.03
N ILE A 48 22.56 -7.47 14.97
CA ILE A 48 23.42 -8.18 14.04
C ILE A 48 23.68 -9.63 14.47
N ASP A 49 23.62 -9.89 15.77
CA ASP A 49 23.91 -11.23 16.29
C ASP A 49 22.96 -12.25 15.69
N SER A 50 23.49 -13.42 15.35
CA SER A 50 22.69 -14.45 14.68
C SER A 50 21.43 -14.84 15.44
N SER A 51 21.45 -14.69 16.77
CA SER A 51 20.29 -15.05 17.59
C SER A 51 19.02 -14.31 17.17
N TYR A 52 19.14 -13.04 16.79
CA TYR A 52 17.97 -12.27 16.37
C TYR A 52 17.34 -12.82 15.09
N ARG A 53 18.16 -13.16 14.10
CA ARG A 53 17.63 -13.77 12.89
C ARG A 53 17.02 -15.14 13.22
N GLU A 54 17.63 -15.89 14.11
CA GLU A 54 17.04 -17.19 14.48
C GLU A 54 15.66 -17.00 15.14
N ARG A 55 15.55 -15.99 15.99
CA ARG A 55 14.26 -15.64 16.58
C ARG A 55 13.25 -15.27 15.50
N ALA A 56 13.66 -14.45 14.55
CA ALA A 56 12.77 -14.05 13.47
C ALA A 56 12.28 -15.25 12.67
N GLU A 57 13.13 -16.25 12.54
CA GLU A 57 12.76 -17.46 11.80
C GLU A 57 11.68 -18.27 12.54
N VAL A 58 11.74 -18.24 13.88
CA VAL A 58 10.70 -18.89 14.68
C VAL A 58 9.39 -18.14 14.47
N LEU A 59 9.44 -16.82 14.45
CA LEU A 59 8.24 -16.02 14.18
C LEU A 59 7.67 -16.33 12.81
N VAL A 60 8.53 -16.43 11.81
CA VAL A 60 8.10 -16.78 10.47
C VAL A 60 7.36 -18.13 10.48
N SER A 61 7.95 -19.13 11.11
CA SER A 61 7.30 -20.44 11.17
CA SER A 61 7.31 -20.45 11.20
C SER A 61 5.96 -20.38 11.92
N GLU A 62 5.91 -19.64 13.02
CA GLU A 62 4.67 -19.49 13.77
C GLU A 62 3.58 -18.83 12.91
N ILE A 63 3.98 -17.83 12.14
CA ILE A 63 3.02 -17.12 11.31
C ILE A 63 2.50 -18.02 10.20
N LYS A 64 3.39 -18.77 9.56
CA LYS A 64 2.97 -19.71 8.53
CA LYS A 64 2.99 -19.73 8.54
C LYS A 64 1.97 -20.71 9.10
N ALA A 65 2.22 -21.19 10.32
CA ALA A 65 1.30 -22.13 10.95
C ALA A 65 -0.04 -21.44 11.23
N MET A 66 0.02 -20.19 11.67
CA MET A 66 -1.20 -19.46 11.98
C MET A 66 -2.08 -19.22 10.75
N LEU A 67 -1.43 -18.93 9.62
CA LEU A 67 -2.15 -18.59 8.41
C LEU A 67 -2.60 -19.82 7.64
N ASN A 68 -2.01 -20.96 7.96
CA ASN A 68 -2.27 -22.15 7.16
C ASN A 68 -3.75 -22.48 6.96
N PRO A 69 -4.55 -22.46 8.04
CA PRO A 69 -5.99 -22.74 7.89
C PRO A 69 -6.70 -21.77 6.96
N ALA A 70 -6.22 -20.52 6.90
CA ALA A 70 -6.87 -19.49 6.07
C ALA A 70 -6.51 -19.62 4.60
N ILE A 71 -5.34 -20.18 4.33
CA ILE A 71 -4.78 -20.16 2.98
C ILE A 71 -4.87 -21.52 2.28
N THR A 72 -4.71 -22.59 3.07
CA THR A 72 -4.59 -23.96 2.57
C THR A 72 -5.69 -24.86 3.13
N GLY A 73 -6.12 -24.58 4.35
CA GLY A 73 -7.13 -25.41 5.00
C GLY A 73 -8.56 -24.90 4.85
N ASP A 74 -9.37 -25.18 5.86
CA ASP A 74 -10.78 -24.84 5.87
C ASP A 74 -11.13 -23.88 7.02
N GLY A 75 -10.08 -23.41 7.70
CA GLY A 75 -10.26 -22.46 8.78
C GLY A 75 -10.28 -21.03 8.29
N GLU A 76 -10.73 -20.85 7.05
CA GLU A 76 -10.85 -19.52 6.45
CA GLU A 76 -10.83 -19.52 6.47
C GLU A 76 -11.87 -18.69 7.24
N SER A 77 -11.92 -17.40 6.97
CA SER A 77 -12.86 -16.50 7.63
C SER A 77 -12.84 -16.62 9.16
N MET A 78 -11.72 -16.25 9.77
CA MET A 78 -11.60 -16.18 11.22
C MET A 78 -12.06 -14.81 11.71
N ILE A 79 -13.27 -14.76 12.23
CA ILE A 79 -13.94 -13.50 12.52
C ILE A 79 -14.69 -13.65 13.85
N THR A 80 -14.73 -12.57 14.63
CA THR A 80 -15.28 -12.62 15.98
C THR A 80 -16.82 -12.71 16.01
N PRO A 81 -17.40 -13.07 17.17
CA PRO A 81 -18.86 -13.19 17.25
C PRO A 81 -19.59 -11.88 17.07
N SER A 82 -20.76 -11.96 16.46
CA SER A 82 -21.68 -10.83 16.41
C SER A 82 -22.84 -11.16 17.34
N ALA A 83 -22.91 -10.49 18.48
CA ALA A 83 -24.03 -10.71 19.39
C ALA A 83 -25.33 -10.37 18.67
N TYR A 84 -25.30 -9.30 17.87
CA TYR A 84 -26.49 -8.87 17.17
C TYR A 84 -27.03 -9.96 16.23
N ASP A 85 -26.15 -10.55 15.41
CA ASP A 85 -26.57 -11.57 14.45
C ASP A 85 -26.93 -12.87 15.16
N THR A 86 -26.18 -13.15 16.22
CA THR A 86 -26.40 -14.37 16.99
C THR A 86 -27.83 -14.34 17.56
N ALA A 87 -28.27 -13.16 18.00
CA ALA A 87 -29.63 -13.01 18.52
C ALA A 87 -30.69 -13.20 17.44
N TRP A 88 -30.42 -12.74 16.22
CA TRP A 88 -31.34 -13.02 15.11
C TRP A 88 -31.42 -14.51 14.79
N VAL A 89 -30.28 -15.19 14.80
CA VAL A 89 -30.28 -16.64 14.56
C VAL A 89 -31.04 -17.33 15.69
N ALA A 90 -30.86 -16.84 16.91
CA ALA A 90 -31.54 -17.41 18.07
C ALA A 90 -33.07 -17.29 17.98
N ARG A 91 -33.55 -16.40 17.11
CA ARG A 91 -35.00 -16.19 16.99
C ARG A 91 -35.68 -17.35 16.28
N VAL A 92 -34.93 -18.04 15.41
CA VAL A 92 -35.53 -19.06 14.54
C VAL A 92 -36.18 -20.18 15.36
N PRO A 93 -37.48 -20.38 15.16
CA PRO A 93 -38.14 -21.44 15.93
C PRO A 93 -37.79 -22.83 15.39
N ALA A 94 -37.88 -23.85 16.25
CA ALA A 94 -37.55 -25.20 15.84
C ALA A 94 -38.37 -25.59 14.61
N ILE A 95 -37.72 -26.18 13.60
CA ILE A 95 -38.44 -26.57 12.40
C ILE A 95 -39.38 -27.74 12.65
N ASP A 96 -39.26 -28.38 13.81
CA ASP A 96 -40.16 -29.47 14.15
C ASP A 96 -41.46 -28.94 14.78
N GLY A 97 -41.58 -27.61 14.86
CA GLY A 97 -42.82 -27.01 15.35
C GLY A 97 -42.92 -26.86 16.85
N SER A 98 -41.97 -27.44 17.58
CA SER A 98 -41.95 -27.30 19.04
C SER A 98 -41.65 -25.85 19.45
N ALA A 99 -42.04 -25.50 20.67
CA ALA A 99 -41.88 -24.13 21.18
C ALA A 99 -40.49 -23.85 21.73
N ARG A 100 -39.48 -23.95 20.86
CA ARG A 100 -38.10 -23.70 21.25
C ARG A 100 -37.26 -23.34 20.04
N PRO A 101 -36.08 -22.74 20.28
CA PRO A 101 -35.25 -22.30 19.16
C PRO A 101 -34.70 -23.48 18.35
N GLN A 102 -34.55 -23.29 17.04
CA GLN A 102 -33.91 -24.29 16.19
C GLN A 102 -32.43 -24.44 16.59
N PHE A 103 -31.84 -23.35 17.07
CA PHE A 103 -30.41 -23.32 17.43
C PHE A 103 -30.24 -22.88 18.89
N PRO A 104 -30.57 -23.77 19.84
CA PRO A 104 -30.61 -23.40 21.26
C PRO A 104 -29.24 -23.00 21.81
N GLN A 105 -28.18 -23.49 21.19
CA GLN A 105 -26.84 -23.09 21.61
C GLN A 105 -26.61 -21.59 21.48
N THR A 106 -27.30 -20.92 20.56
CA THR A 106 -27.13 -19.46 20.43
C THR A 106 -27.73 -18.72 21.63
N VAL A 107 -28.85 -19.22 22.14
CA VAL A 107 -29.47 -18.63 23.33
C VAL A 107 -28.52 -18.80 24.52
N ASP A 108 -27.98 -19.99 24.66
CA ASP A 108 -27.01 -20.26 25.70
C ASP A 108 -25.82 -19.30 25.60
N TRP A 109 -25.33 -19.09 24.38
CA TRP A 109 -24.23 -18.15 24.16
C TRP A 109 -24.61 -16.76 24.67
N ILE A 110 -25.78 -16.31 24.27
CA ILE A 110 -26.22 -14.96 24.60
C ILE A 110 -26.33 -14.78 26.11
N LEU A 111 -26.92 -15.78 26.77
CA LEU A 111 -27.08 -15.74 28.23
C LEU A 111 -25.74 -15.64 28.93
N LYS A 112 -24.70 -16.21 28.32
CA LYS A 112 -23.40 -16.31 28.98
C LYS A 112 -22.42 -15.21 28.62
N ASN A 113 -22.74 -14.42 27.60
CA ASN A 113 -21.79 -13.43 27.10
C ASN A 113 -22.17 -11.98 27.26
N GLN A 114 -23.12 -11.68 28.14
CA GLN A 114 -23.43 -10.28 28.43
C GLN A 114 -22.22 -9.62 29.09
N LEU A 115 -21.98 -8.36 28.75
CA LEU A 115 -20.88 -7.62 29.37
C LEU A 115 -21.31 -7.06 30.73
N LYS A 116 -20.32 -6.64 31.52
CA LYS A 116 -20.58 -6.22 32.90
C LYS A 116 -21.54 -5.04 32.96
N ASP A 117 -21.56 -4.23 31.91
CA ASP A 117 -22.40 -3.03 31.93
C ASP A 117 -23.80 -3.29 31.37
N GLY A 118 -24.09 -4.55 31.06
CA GLY A 118 -25.41 -4.93 30.59
C GLY A 118 -25.55 -4.97 29.08
N SER A 119 -24.52 -4.53 28.37
CA SER A 119 -24.55 -4.58 26.91
C SER A 119 -23.95 -5.88 26.42
N TRP A 120 -24.11 -6.16 25.12
CA TRP A 120 -23.39 -7.25 24.48
C TRP A 120 -22.49 -6.61 23.42
N GLY A 121 -21.30 -7.16 23.24
CA GLY A 121 -20.35 -6.64 22.28
C GLY A 121 -18.94 -7.07 22.63
N ILE A 122 -17.95 -6.54 21.91
CA ILE A 122 -16.56 -6.87 22.20
C ILE A 122 -16.06 -5.90 23.26
N GLN A 123 -15.58 -6.44 24.38
CA GLN A 123 -15.22 -5.62 25.53
C GLN A 123 -14.08 -4.64 25.26
N SER A 124 -13.13 -5.01 24.41
CA SER A 124 -11.95 -4.18 24.16
C SER A 124 -12.29 -2.83 23.54
N HIS A 125 -13.42 -2.77 22.85
CA HIS A 125 -13.78 -1.56 22.12
C HIS A 125 -15.23 -1.20 22.42
N PHE A 126 -15.45 0.04 22.85
CA PHE A 126 -16.83 0.50 23.05
C PHE A 126 -17.28 1.38 21.89
N LEU A 127 -18.35 0.98 21.22
CA LEU A 127 -18.97 1.85 20.21
C LEU A 127 -20.48 1.88 20.49
N LEU A 128 -21.00 3.06 20.82
CA LEU A 128 -22.40 3.18 21.25
C LEU A 128 -23.40 2.47 20.32
N SER A 129 -23.34 2.77 19.02
CA SER A 129 -24.32 2.19 18.09
C SER A 129 -24.22 0.67 18.05
N ASP A 130 -23.01 0.16 18.16
CA ASP A 130 -22.80 -1.27 18.17
C ASP A 130 -23.47 -1.88 19.42
N ARG A 131 -23.18 -1.31 20.59
CA ARG A 131 -23.75 -1.81 21.83
C ARG A 131 -25.26 -1.68 21.86
N LEU A 132 -25.79 -0.56 21.35
CA LEU A 132 -27.22 -0.33 21.34
C LEU A 132 -27.94 -1.39 20.50
N LEU A 133 -27.45 -1.58 19.28
CA LEU A 133 -28.06 -2.50 18.35
C LEU A 133 -27.97 -3.93 18.87
N ALA A 134 -26.78 -4.35 19.29
CA ALA A 134 -26.58 -5.71 19.74
C ALA A 134 -27.41 -6.00 21.00
N THR A 135 -27.41 -5.06 21.94
CA THR A 135 -28.12 -5.26 23.20
C THR A 135 -29.62 -5.33 22.98
N LEU A 136 -30.16 -4.42 22.19
CA LEU A 136 -31.60 -4.48 21.94
C LEU A 136 -31.95 -5.79 21.25
N SER A 137 -31.10 -6.21 20.32
CA SER A 137 -31.30 -7.46 19.57
C SER A 137 -31.36 -8.66 20.51
N CYS A 138 -30.42 -8.71 21.45
CA CYS A 138 -30.32 -9.79 22.44
C CYS A 138 -31.47 -9.77 23.44
N VAL A 139 -31.80 -8.59 23.95
CA VAL A 139 -32.92 -8.44 24.88
C VAL A 139 -34.19 -9.02 24.25
N LEU A 140 -34.44 -8.71 22.98
CA LEU A 140 -35.69 -9.11 22.35
C LEU A 140 -35.82 -10.63 22.15
N VAL A 141 -34.72 -11.32 21.83
CA VAL A 141 -34.79 -12.76 21.61
C VAL A 141 -34.89 -13.52 22.94
N LEU A 142 -34.26 -12.98 23.98
CA LEU A 142 -34.39 -13.59 25.30
C LEU A 142 -35.85 -13.51 25.74
N LEU A 143 -36.47 -12.36 25.48
CA LEU A 143 -37.89 -12.17 25.77
C LEU A 143 -38.74 -13.13 24.94
N LYS A 144 -38.42 -13.29 23.65
CA LYS A 144 -39.18 -14.21 22.80
C LYS A 144 -39.26 -15.62 23.41
N TRP A 145 -38.13 -16.09 23.93
CA TRP A 145 -38.06 -17.42 24.52
C TRP A 145 -38.31 -17.43 26.03
N ASN A 146 -38.73 -16.29 26.57
CA ASN A 146 -39.04 -16.17 27.99
C ASN A 146 -37.93 -16.69 28.91
N VAL A 147 -36.69 -16.27 28.64
CA VAL A 147 -35.54 -16.63 29.46
C VAL A 147 -34.69 -15.40 29.77
N GLY A 148 -33.69 -15.57 30.64
CA GLY A 148 -32.74 -14.51 30.94
C GLY A 148 -33.32 -13.24 31.52
N ASP A 149 -34.20 -13.37 32.52
CA ASP A 149 -34.83 -12.20 33.14
C ASP A 149 -33.79 -11.15 33.57
N LEU A 150 -32.71 -11.60 34.20
CA LEU A 150 -31.69 -10.68 34.71
C LEU A 150 -30.96 -9.97 33.57
N GLN A 151 -30.58 -10.74 32.56
CA GLN A 151 -29.83 -10.21 31.43
C GLN A 151 -30.68 -9.15 30.72
N VAL A 152 -31.97 -9.44 30.61
CA VAL A 152 -32.91 -8.53 29.97
C VAL A 152 -32.99 -7.24 30.76
N GLU A 153 -33.15 -7.38 32.07
CA GLU A 153 -33.21 -6.24 32.98
C GLU A 153 -31.97 -5.34 32.83
N GLN A 154 -30.80 -5.97 32.83
CA GLN A 154 -29.54 -5.26 32.69
C GLN A 154 -29.35 -4.68 31.28
N GLY A 155 -29.89 -5.36 30.28
CA GLY A 155 -29.78 -4.87 28.91
C GLY A 155 -30.63 -3.64 28.72
N ILE A 156 -31.86 -3.69 29.24
CA ILE A 156 -32.78 -2.56 29.11
C ILE A 156 -32.21 -1.32 29.79
N GLU A 157 -31.61 -1.50 30.98
CA GLU A 157 -30.98 -0.40 31.70
C GLU A 157 -29.83 0.22 30.89
N PHE A 158 -29.00 -0.63 30.29
CA PHE A 158 -27.92 -0.12 29.45
C PHE A 158 -28.48 0.75 28.33
N ILE A 159 -29.51 0.25 27.64
CA ILE A 159 -30.04 0.95 26.48
C ILE A 159 -30.64 2.29 26.92
N LYS A 160 -31.47 2.25 27.95
CA LYS A 160 -32.12 3.45 28.46
C LYS A 160 -31.09 4.49 28.91
N SER A 161 -30.18 4.06 29.77
CA SER A 161 -29.17 4.96 30.34
CA SER A 161 -29.21 4.99 30.34
C SER A 161 -28.28 5.58 29.28
N ASN A 162 -27.84 4.77 28.32
CA ASN A 162 -26.95 5.29 27.30
C ASN A 162 -27.66 6.18 26.27
N LEU A 163 -28.89 5.84 25.93
CA LEU A 163 -29.68 6.67 25.02
C LEU A 163 -29.92 8.06 25.61
N GLU A 164 -30.03 8.13 26.93
CA GLU A 164 -30.31 9.39 27.60
C GLU A 164 -29.06 10.26 27.74
N LEU A 165 -27.90 9.66 27.50
CA LEU A 165 -26.64 10.42 27.51
C LEU A 165 -26.44 11.19 26.21
N VAL A 166 -27.11 10.75 25.14
CA VAL A 166 -26.98 11.44 23.87
C VAL A 166 -27.61 12.83 23.98
N LYS A 167 -26.79 13.87 23.82
CA LYS A 167 -27.30 15.22 23.86
C LYS A 167 -27.61 15.72 22.45
N ASP A 168 -26.63 15.57 21.55
CA ASP A 168 -26.80 15.96 20.16
C ASP A 168 -26.14 14.95 19.21
N GLU A 169 -26.18 15.24 17.92
CA GLU A 169 -25.69 14.32 16.88
C GLU A 169 -24.21 13.97 17.07
N THR A 170 -23.40 14.97 17.39
CA THR A 170 -21.97 14.75 17.55
C THR A 170 -21.66 13.76 18.68
N ASP A 171 -22.68 13.39 19.45
CA ASP A 171 -22.53 12.44 20.54
C ASP A 171 -22.72 10.99 20.10
N GLN A 172 -23.31 10.79 18.93
CA GLN A 172 -23.74 9.44 18.56
C GLN A 172 -22.56 8.52 18.24
N ASP A 173 -21.46 9.11 17.73
CA ASP A 173 -20.25 8.36 17.39
C ASP A 173 -20.47 7.58 16.10
N SER A 174 -19.49 6.78 15.69
CA SER A 174 -19.56 6.07 14.41
C SER A 174 -20.71 5.07 14.36
N LEU A 175 -21.36 4.95 13.21
CA LEU A 175 -22.54 4.10 13.12
C LEU A 175 -22.25 2.77 12.45
N VAL A 176 -22.68 1.69 13.09
CA VAL A 176 -22.65 0.38 12.46
C VAL A 176 -23.51 0.38 11.20
N THR A 177 -23.26 -0.58 10.31
CA THR A 177 -23.94 -0.64 9.04
C THR A 177 -25.46 -0.60 9.18
N ASP A 178 -26.08 0.37 8.50
CA ASP A 178 -27.55 0.48 8.44
C ASP A 178 -28.22 0.71 9.79
N PHE A 179 -27.46 1.23 10.74
CA PHE A 179 -28.01 1.52 12.06
C PHE A 179 -29.27 2.40 11.97
N GLU A 180 -29.18 3.44 11.15
CA GLU A 180 -30.27 4.39 11.03
C GLU A 180 -31.55 3.73 10.50
N ILE A 181 -31.39 2.71 9.66
CA ILE A 181 -32.54 1.97 9.15
C ILE A 181 -33.05 0.96 10.19
N ILE A 182 -32.13 0.19 10.77
CA ILE A 182 -32.50 -0.94 11.61
C ILE A 182 -32.95 -0.55 13.01
N PHE A 183 -32.24 0.37 13.64
CA PHE A 183 -32.52 0.64 15.05
C PHE A 183 -33.96 1.12 15.31
N PRO A 184 -34.48 2.05 14.49
CA PRO A 184 -35.88 2.47 14.69
C PRO A 184 -36.86 1.30 14.53
N SER A 185 -36.55 0.40 13.61
CA SER A 185 -37.39 -0.78 13.40
C SER A 185 -37.37 -1.70 14.62
N LEU A 186 -36.17 -1.98 15.12
CA LEU A 186 -36.01 -2.87 16.26
C LEU A 186 -36.61 -2.22 17.52
N LEU A 187 -36.46 -0.90 17.62
CA LEU A 187 -36.95 -0.18 18.78
C LEU A 187 -38.49 -0.15 18.79
N ARG A 188 -39.09 -0.11 17.60
CA ARG A 188 -40.55 -0.20 17.50
C ARG A 188 -41.07 -1.57 17.92
N GLU A 189 -40.28 -2.62 17.64
CA GLU A 189 -40.62 -3.96 18.16
C GLU A 189 -40.67 -3.95 19.69
N ALA A 190 -39.69 -3.32 20.32
CA ALA A 190 -39.70 -3.20 21.78
C ALA A 190 -40.90 -2.39 22.27
N GLN A 191 -41.23 -1.35 21.51
CA GLN A 191 -42.32 -0.48 21.90
C GLN A 191 -43.64 -1.24 21.93
N SER A 192 -43.80 -2.17 21.00
CA SER A 192 -45.04 -2.96 20.91
C SER A 192 -45.14 -3.94 22.10
N LEU A 193 -44.01 -4.25 22.70
CA LEU A 193 -43.98 -5.07 23.92
C LEU A 193 -44.02 -4.20 25.18
N ARG A 194 -44.07 -2.88 24.99
CA ARG A 194 -44.08 -1.92 26.10
C ARG A 194 -42.86 -2.03 27.03
N LEU A 195 -41.70 -2.30 26.46
CA LEU A 195 -40.48 -2.29 27.27
C LEU A 195 -40.20 -0.87 27.76
N GLY A 196 -39.58 -0.76 28.92
CA GLY A 196 -39.28 0.54 29.51
C GLY A 196 -38.10 1.25 28.87
N LEU A 197 -38.28 1.71 27.63
CA LEU A 197 -37.25 2.45 26.92
C LEU A 197 -37.74 3.85 26.54
N PRO A 198 -36.80 4.80 26.40
CA PRO A 198 -37.16 6.20 26.17
C PRO A 198 -37.47 6.49 24.70
N TYR A 199 -38.61 6.01 24.21
CA TYR A 199 -38.96 6.11 22.79
C TYR A 199 -39.09 7.56 22.29
N ASP A 200 -39.34 8.49 23.20
CA ASP A 200 -39.70 9.85 22.82
C ASP A 200 -38.49 10.80 22.82
N LEU A 201 -37.28 10.25 22.97
CA LEU A 201 -36.08 11.09 22.91
C LEU A 201 -35.94 11.69 21.52
N PRO A 202 -35.46 12.94 21.45
CA PRO A 202 -35.20 13.59 20.16
C PRO A 202 -34.27 12.75 19.28
N TYR A 203 -33.24 12.15 19.87
CA TYR A 203 -32.32 11.33 19.09
C TYR A 203 -33.06 10.19 18.39
N ILE A 204 -34.04 9.60 19.07
CA ILE A 204 -34.85 8.54 18.46
C ILE A 204 -35.66 9.06 17.27
N HIS A 205 -36.31 10.21 17.45
CA HIS A 205 -37.05 10.83 16.35
C HIS A 205 -36.14 11.17 15.18
N LEU A 206 -34.94 11.65 15.49
CA LEU A 206 -33.94 11.94 14.46
C LEU A 206 -33.58 10.70 13.64
N LEU A 207 -33.43 9.57 14.32
CA LEU A 207 -33.07 8.34 13.63
C LEU A 207 -34.17 7.91 12.66
N GLN A 208 -35.43 8.05 13.07
CA GLN A 208 -36.56 7.75 12.18
C GLN A 208 -36.52 8.69 10.97
N THR A 209 -36.23 9.95 11.22
CA THR A 209 -36.03 10.91 10.14
C THR A 209 -34.94 10.44 9.18
N LYS A 210 -33.81 9.98 9.71
CA LYS A 210 -32.72 9.50 8.86
C LYS A 210 -33.14 8.26 8.09
N ARG A 211 -33.88 7.38 8.76
CA ARG A 211 -34.39 6.18 8.11
C ARG A 211 -35.21 6.53 6.86
N GLN A 212 -36.13 7.48 7.01
CA GLN A 212 -36.92 7.93 5.88
C GLN A 212 -36.02 8.48 4.78
N GLU A 213 -35.02 9.26 5.16
CA GLU A 213 -34.11 9.83 4.18
C GLU A 213 -33.46 8.72 3.35
N ARG A 214 -33.01 7.66 4.01
CA ARG A 214 -32.35 6.56 3.32
C ARG A 214 -33.35 5.82 2.43
N LEU A 215 -34.52 5.54 2.98
CA LEU A 215 -35.52 4.74 2.28
C LEU A 215 -36.08 5.43 1.05
N ALA A 216 -36.01 6.76 1.01
CA ALA A 216 -36.62 7.51 -0.07
C ALA A 216 -35.87 7.31 -1.39
N LYS A 217 -34.57 7.06 -1.31
CA LYS A 217 -33.80 6.87 -2.53
C LYS A 217 -33.83 5.42 -3.03
N LEU A 218 -34.60 4.59 -2.33
CA LEU A 218 -34.65 3.16 -2.63
C LEU A 218 -35.47 2.86 -3.87
N SER A 219 -34.91 2.07 -4.78
CA SER A 219 -35.68 1.56 -5.92
C SER A 219 -36.33 0.25 -5.47
N ARG A 220 -37.58 0.28 -5.06
CA ARG A 220 -38.16 -0.89 -4.41
C ARG A 220 -38.41 -2.07 -5.34
N GLU A 221 -38.99 -1.79 -6.51
CA GLU A 221 -39.24 -2.83 -7.49
C GLU A 221 -37.92 -3.55 -7.84
N GLU A 222 -36.83 -2.79 -7.90
CA GLU A 222 -35.52 -3.33 -8.24
C GLU A 222 -34.86 -4.16 -7.13
N ILE A 223 -35.39 -4.06 -5.92
CA ILE A 223 -34.89 -4.87 -4.79
C ILE A 223 -34.88 -6.33 -5.19
N TYR A 224 -35.88 -6.71 -5.98
CA TYR A 224 -36.11 -8.11 -6.30
C TYR A 224 -35.33 -8.57 -7.53
N ALA A 225 -34.77 -7.62 -8.28
CA ALA A 225 -34.18 -7.95 -9.56
C ALA A 225 -32.68 -7.70 -9.57
N VAL A 226 -32.25 -6.65 -8.88
CA VAL A 226 -30.86 -6.22 -8.88
C VAL A 226 -30.31 -6.26 -7.47
N PRO A 227 -29.36 -7.17 -7.20
CA PRO A 227 -28.80 -7.28 -5.85
C PRO A 227 -28.25 -5.94 -5.39
N SER A 228 -28.47 -5.58 -4.13
CA SER A 228 -28.04 -4.28 -3.61
C SER A 228 -27.57 -4.43 -2.17
N PRO A 229 -26.86 -3.41 -1.66
CA PRO A 229 -26.34 -3.45 -0.28
C PRO A 229 -27.42 -3.65 0.77
N LEU A 230 -28.66 -3.28 0.47
CA LEU A 230 -29.73 -3.43 1.47
C LEU A 230 -30.07 -4.88 1.80
N LEU A 231 -29.70 -5.81 0.92
CA LEU A 231 -29.91 -7.23 1.19
C LEU A 231 -29.20 -7.67 2.47
N TYR A 232 -28.23 -6.86 2.90
CA TYR A 232 -27.41 -7.16 4.09
C TYR A 232 -28.22 -6.93 5.36
N SER A 233 -29.36 -6.24 5.22
CA SER A 233 -30.10 -5.75 6.38
C SER A 233 -31.61 -5.87 6.24
N LEU A 234 -32.08 -6.92 5.58
CA LEU A 234 -33.52 -7.06 5.36
C LEU A 234 -34.30 -7.10 6.67
N GLU A 235 -33.64 -7.51 7.75
CA GLU A 235 -34.31 -7.58 9.05
C GLU A 235 -34.74 -6.20 9.54
N GLY A 236 -34.22 -5.17 8.89
CA GLY A 236 -34.57 -3.81 9.25
C GLY A 236 -35.67 -3.20 8.41
N ILE A 237 -36.08 -3.88 7.34
CA ILE A 237 -37.08 -3.32 6.43
C ILE A 237 -38.19 -4.33 6.13
N GLN A 238 -38.67 -4.98 7.17
CA GLN A 238 -39.60 -6.10 7.02
C GLN A 238 -40.96 -5.75 6.43
N ASP A 239 -41.42 -4.52 6.66
CA ASP A 239 -42.71 -4.08 6.12
C ASP A 239 -42.62 -3.79 4.62
N ILE A 240 -41.41 -3.55 4.13
CA ILE A 240 -41.20 -3.18 2.74
C ILE A 240 -41.03 -4.42 1.83
N VAL A 241 -40.37 -5.44 2.33
CA VAL A 241 -39.99 -6.54 1.47
C VAL A 241 -41.13 -7.52 1.20
N GLU A 242 -41.42 -7.77 -0.07
CA GLU A 242 -42.29 -8.86 -0.45
C GLU A 242 -41.47 -10.15 -0.43
N TRP A 243 -41.62 -10.94 0.63
CA TRP A 243 -40.76 -12.11 0.83
C TRP A 243 -40.93 -13.12 -0.30
N GLU A 244 -42.08 -13.09 -0.97
CA GLU A 244 -42.35 -14.07 -2.02
C GLU A 244 -41.57 -13.79 -3.30
N ARG A 245 -40.91 -12.63 -3.34
CA ARG A 245 -40.15 -12.21 -4.52
C ARG A 245 -38.65 -12.06 -4.23
N ILE A 246 -38.26 -12.14 -2.97
CA ILE A 246 -36.89 -11.79 -2.59
C ILE A 246 -35.88 -12.91 -2.91
N MET A 247 -36.35 -14.13 -3.14
CA MET A 247 -35.43 -15.23 -3.37
C MET A 247 -34.58 -15.06 -4.61
N GLU A 248 -35.03 -14.23 -5.54
CA GLU A 248 -34.33 -14.00 -6.80
C GLU A 248 -32.91 -13.45 -6.59
N VAL A 249 -32.71 -12.68 -5.52
CA VAL A 249 -31.40 -12.08 -5.27
C VAL A 249 -30.64 -12.77 -4.11
N GLN A 250 -31.09 -13.97 -3.76
CA GLN A 250 -30.40 -14.78 -2.74
C GLN A 250 -29.03 -15.22 -3.26
N SER A 251 -28.03 -15.26 -2.39
CA SER A 251 -26.71 -15.71 -2.80
C SER A 251 -26.74 -17.22 -3.01
N GLN A 252 -25.79 -17.71 -3.79
CA GLN A 252 -25.69 -19.13 -4.07
C GLN A 252 -25.61 -20.01 -2.83
N ASP A 253 -25.11 -19.48 -1.71
CA ASP A 253 -24.99 -20.28 -0.48
C ASP A 253 -26.23 -20.19 0.37
N GLY A 254 -27.21 -19.42 -0.11
CA GLY A 254 -28.48 -19.32 0.58
C GLY A 254 -28.58 -18.07 1.43
N SER A 255 -27.45 -17.38 1.63
CA SER A 255 -27.46 -16.17 2.45
C SER A 255 -28.05 -14.98 1.70
N PHE A 256 -28.41 -13.96 2.47
CA PHE A 256 -28.69 -12.66 1.89
C PHE A 256 -27.51 -11.74 2.18
N LEU A 257 -26.74 -11.51 1.11
CA LEU A 257 -25.50 -10.75 1.14
C LEU A 257 -24.60 -11.09 2.36
N SER A 258 -24.48 -12.39 2.64
CA SER A 258 -23.56 -12.92 3.65
C SER A 258 -23.93 -12.63 5.11
N SER A 259 -25.11 -12.05 5.33
CA SER A 259 -25.55 -11.68 6.68
C SER A 259 -26.39 -12.77 7.35
N PRO A 260 -25.92 -13.33 8.48
CA PRO A 260 -26.78 -14.29 9.17
C PRO A 260 -28.10 -13.69 9.64
N ALA A 261 -28.08 -12.46 10.14
CA ALA A 261 -29.32 -11.87 10.65
C ALA A 261 -30.35 -11.73 9.53
N SER A 262 -29.88 -11.21 8.39
CA SER A 262 -30.76 -10.93 7.27
C SER A 262 -31.33 -12.24 6.73
N THR A 263 -30.47 -13.25 6.64
CA THR A 263 -30.89 -14.58 6.20
C THR A 263 -31.87 -15.23 7.19
N ALA A 264 -31.61 -15.10 8.48
CA ALA A 264 -32.53 -15.67 9.47
C ALA A 264 -33.92 -15.05 9.35
N CYS A 265 -33.95 -13.76 9.06
CA CYS A 265 -35.21 -13.04 8.92
C CYS A 265 -35.99 -13.58 7.73
N VAL A 266 -35.33 -13.69 6.58
CA VAL A 266 -35.98 -14.21 5.40
C VAL A 266 -36.46 -15.64 5.67
N PHE A 267 -35.63 -16.42 6.34
CA PHE A 267 -36.03 -17.80 6.66
C PHE A 267 -37.33 -17.85 7.47
N MET A 268 -37.42 -17.01 8.50
CA MET A 268 -38.63 -17.04 9.34
C MET A 268 -39.88 -16.60 8.58
N HIS A 269 -39.69 -15.84 7.50
CA HIS A 269 -40.83 -15.42 6.69
C HIS A 269 -41.18 -16.42 5.60
N THR A 270 -40.23 -17.24 5.18
CA THR A 270 -40.43 -18.05 3.97
C THR A 270 -40.27 -19.55 4.16
N GLY A 271 -39.51 -19.95 5.16
CA GLY A 271 -39.19 -21.36 5.34
C GLY A 271 -38.23 -21.87 4.27
N ASP A 272 -37.57 -20.95 3.56
CA ASP A 272 -36.66 -21.32 2.47
C ASP A 272 -35.54 -22.29 2.90
N ALA A 273 -35.45 -23.42 2.22
CA ALA A 273 -34.43 -24.43 2.55
C ALA A 273 -32.99 -23.92 2.46
N LYS A 274 -32.69 -23.13 1.43
CA LYS A 274 -31.31 -22.66 1.26
C LYS A 274 -30.89 -21.68 2.33
N CYS A 275 -31.83 -20.84 2.79
CA CYS A 275 -31.57 -19.96 3.93
C CYS A 275 -31.15 -20.81 5.11
N LEU A 276 -31.92 -21.84 5.41
CA LEU A 276 -31.60 -22.72 6.53
C LEU A 276 -30.22 -23.37 6.37
N GLU A 277 -29.90 -23.81 5.16
CA GLU A 277 -28.60 -24.41 4.91
C GLU A 277 -27.47 -23.43 5.26
N PHE A 278 -27.66 -22.17 4.88
CA PHE A 278 -26.64 -21.17 5.19
C PHE A 278 -26.46 -21.02 6.70
N LEU A 279 -27.58 -20.93 7.42
CA LEU A 279 -27.51 -20.78 8.87
C LEU A 279 -26.83 -22.00 9.50
N ASN A 280 -27.22 -23.18 9.04
CA ASN A 280 -26.55 -24.39 9.52
C ASN A 280 -25.04 -24.34 9.29
N SER A 281 -24.63 -23.95 8.09
CA SER A 281 -23.20 -23.95 7.76
C SER A 281 -22.43 -23.00 8.65
N VAL A 282 -23.03 -21.87 9.02
CA VAL A 282 -22.35 -20.95 9.91
C VAL A 282 -22.26 -21.49 11.35
N MET A 283 -23.31 -22.17 11.83
CA MET A 283 -23.30 -22.77 13.16
C MET A 283 -22.28 -23.90 13.24
N ILE A 284 -22.22 -24.70 12.18
CA ILE A 284 -21.23 -25.76 12.06
C ILE A 284 -19.81 -25.19 12.16
N LYS A 285 -19.58 -24.07 11.49
CA LYS A 285 -18.25 -23.45 11.44
C LYS A 285 -17.87 -22.84 12.79
N PHE A 286 -18.82 -22.17 13.44
CA PHE A 286 -18.45 -21.40 14.62
C PHE A 286 -18.91 -21.97 15.95
N GLY A 287 -19.82 -22.94 15.92
CA GLY A 287 -20.29 -23.59 17.13
C GLY A 287 -21.57 -23.03 17.72
N ASN A 288 -21.46 -21.95 18.48
CA ASN A 288 -22.60 -21.42 19.22
C ASN A 288 -22.85 -19.92 19.02
N PHE A 289 -22.20 -19.34 18.01
CA PHE A 289 -22.43 -17.94 17.65
C PHE A 289 -22.30 -17.81 16.14
N VAL A 290 -22.62 -16.62 15.60
CA VAL A 290 -22.33 -16.31 14.20
C VAL A 290 -21.66 -14.95 14.15
N PRO A 291 -20.87 -14.69 13.08
CA PRO A 291 -20.30 -13.36 12.92
C PRO A 291 -21.29 -12.48 12.14
N CYS A 292 -20.91 -11.27 11.75
CA CYS A 292 -21.86 -10.38 11.04
C CYS A 292 -21.70 -10.44 9.53
N LEU A 293 -20.71 -11.21 9.08
CA LEU A 293 -20.44 -11.37 7.65
C LEU A 293 -19.87 -12.77 7.48
N TYR A 294 -20.35 -13.52 6.50
CA TYR A 294 -19.75 -14.82 6.25
C TYR A 294 -20.12 -15.41 4.89
N PRO A 295 -19.11 -15.91 4.16
CA PRO A 295 -17.69 -15.84 4.48
C PRO A 295 -17.09 -14.47 4.19
N VAL A 296 -15.84 -14.29 4.59
CA VAL A 296 -15.06 -13.14 4.18
C VAL A 296 -13.79 -13.65 3.51
N ASP A 297 -13.92 -14.73 2.74
CA ASP A 297 -12.75 -15.41 2.17
C ASP A 297 -11.86 -14.52 1.28
N LEU A 298 -12.46 -13.71 0.41
CA LEU A 298 -11.68 -12.86 -0.49
C LEU A 298 -11.04 -11.66 0.21
N LEU A 299 -11.84 -10.94 0.98
CA LEU A 299 -11.34 -9.74 1.65
C LEU A 299 -10.27 -10.10 2.68
N GLU A 300 -10.49 -11.18 3.43
CA GLU A 300 -9.53 -11.62 4.45
C GLU A 300 -8.17 -12.00 3.84
N ARG A 301 -8.18 -12.81 2.78
CA ARG A 301 -6.93 -13.15 2.10
C ARG A 301 -6.17 -11.90 1.61
N LEU A 302 -6.91 -10.96 1.03
CA LEU A 302 -6.30 -9.73 0.55
C LEU A 302 -5.77 -8.85 1.68
N LEU A 303 -6.51 -8.79 2.79
CA LEU A 303 -6.08 -8.00 3.94
C LEU A 303 -4.81 -8.58 4.58
N ILE A 304 -4.74 -9.91 4.62
CA ILE A 304 -3.54 -10.60 5.10
C ILE A 304 -2.31 -10.21 4.28
N VAL A 305 -2.44 -10.34 2.96
CA VAL A 305 -1.35 -10.01 2.06
C VAL A 305 -1.00 -8.53 2.17
N ASP A 306 -2.00 -7.65 2.16
CA ASP A 306 -1.73 -6.21 2.24
C ASP A 306 -0.89 -5.91 3.47
N ASN A 307 -1.25 -6.50 4.61
CA ASN A 307 -0.58 -6.17 5.85
C ASN A 307 0.84 -6.73 5.94
N ILE A 308 1.01 -7.95 5.45
CA ILE A 308 2.33 -8.56 5.35
C ILE A 308 3.24 -7.73 4.43
N VAL A 309 2.71 -7.28 3.29
CA VAL A 309 3.48 -6.44 2.37
C VAL A 309 3.81 -5.10 3.00
N ARG A 310 2.82 -4.43 3.58
CA ARG A 310 3.08 -3.11 4.14
C ARG A 310 4.01 -3.14 5.37
N LEU A 311 4.03 -4.25 6.09
CA LEU A 311 4.93 -4.39 7.24
C LEU A 311 6.37 -4.65 6.77
N GLY A 312 6.52 -4.89 5.47
CA GLY A 312 7.84 -5.10 4.89
C GLY A 312 8.36 -6.51 5.14
N ILE A 313 7.47 -7.43 5.52
CA ILE A 313 7.92 -8.79 5.84
C ILE A 313 7.55 -9.83 4.79
N TYR A 314 7.08 -9.35 3.64
CA TYR A 314 6.60 -10.21 2.55
C TYR A 314 7.63 -11.23 2.05
N ARG A 315 8.93 -10.92 2.13
CA ARG A 315 9.91 -11.87 1.54
C ARG A 315 9.95 -13.24 2.24
N HIS A 316 9.44 -13.30 3.46
CA HIS A 316 9.43 -14.54 4.22
C HIS A 316 8.24 -15.44 3.87
N PHE A 317 7.28 -14.88 3.13
CA PHE A 317 6.00 -15.57 2.92
C PHE A 317 5.60 -15.64 1.46
N GLU A 318 6.55 -15.85 0.56
CA GLU A 318 6.23 -15.92 -0.87
C GLU A 318 5.22 -17.02 -1.16
N LYS A 319 5.41 -18.19 -0.56
CA LYS A 319 4.51 -19.31 -0.82
C LYS A 319 3.08 -18.96 -0.43
N GLU A 320 2.93 -18.39 0.75
CA GLU A 320 1.61 -18.07 1.31
C GLU A 320 0.94 -16.92 0.56
N ILE A 321 1.71 -15.93 0.15
CA ILE A 321 1.14 -14.84 -0.64
C ILE A 321 0.66 -15.36 -2.01
N LYS A 322 1.48 -16.21 -2.63
CA LYS A 322 1.06 -16.80 -3.90
C LYS A 322 -0.22 -17.64 -3.77
N GLU A 323 -0.29 -18.49 -2.74
CA GLU A 323 -1.47 -19.31 -2.52
C GLU A 323 -2.73 -18.45 -2.30
N ALA A 324 -2.55 -17.38 -1.53
CA ALA A 324 -3.64 -16.47 -1.22
C ALA A 324 -4.11 -15.73 -2.47
N LEU A 325 -3.16 -15.18 -3.23
CA LEU A 325 -3.54 -14.40 -4.41
C LEU A 325 -4.04 -15.29 -5.53
N ASP A 326 -3.53 -16.52 -5.62
CA ASP A 326 -4.04 -17.48 -6.61
C ASP A 326 -5.52 -17.76 -6.39
N TYR A 327 -5.91 -17.90 -5.12
CA TYR A 327 -7.31 -18.14 -4.77
C TYR A 327 -8.13 -16.93 -5.17
N VAL A 328 -7.66 -15.75 -4.81
CA VAL A 328 -8.38 -14.54 -5.18
C VAL A 328 -8.51 -14.45 -6.69
N TYR A 329 -7.41 -14.73 -7.39
CA TYR A 329 -7.41 -14.60 -8.85
C TYR A 329 -8.39 -15.59 -9.48
N ARG A 330 -8.53 -16.75 -8.87
CA ARG A 330 -9.49 -17.73 -9.37
C ARG A 330 -10.91 -17.15 -9.41
N HIS A 331 -11.23 -16.32 -8.43
CA HIS A 331 -12.58 -15.78 -8.33
C HIS A 331 -12.69 -14.38 -8.93
N TRP A 332 -11.57 -13.86 -9.41
CA TRP A 332 -11.55 -12.56 -10.08
C TRP A 332 -12.33 -12.64 -11.38
N ASN A 333 -13.25 -11.70 -11.57
CA ASN A 333 -14.04 -11.69 -12.81
C ASN A 333 -14.38 -10.26 -13.25
N GLU A 334 -14.91 -10.14 -14.48
CA GLU A 334 -15.13 -8.84 -15.08
C GLU A 334 -16.14 -8.02 -14.29
N ARG A 335 -16.89 -8.68 -13.41
CA ARG A 335 -17.91 -7.98 -12.62
C ARG A 335 -17.42 -7.56 -11.25
N GLY A 336 -16.14 -7.76 -10.97
CA GLY A 336 -15.61 -7.42 -9.67
C GLY A 336 -15.81 -8.54 -8.65
N ILE A 337 -15.35 -8.30 -7.42
CA ILE A 337 -15.50 -9.27 -6.34
C ILE A 337 -16.10 -8.65 -5.08
N GLY A 338 -16.79 -9.47 -4.31
CA GLY A 338 -17.27 -9.05 -2.99
C GLY A 338 -16.31 -9.55 -1.93
N TRP A 339 -16.60 -9.23 -0.66
CA TRP A 339 -15.71 -9.63 0.43
C TRP A 339 -15.71 -11.15 0.55
N GLY A 340 -16.84 -11.74 0.18
CA GLY A 340 -17.02 -13.19 0.12
C GLY A 340 -17.27 -13.62 -1.31
N ARG A 341 -16.70 -14.75 -1.71
CA ARG A 341 -16.75 -15.16 -3.11
C ARG A 341 -18.19 -15.41 -3.61
N LEU A 342 -19.14 -15.62 -2.70
CA LEU A 342 -20.51 -15.85 -3.16
C LEU A 342 -21.39 -14.60 -3.28
N ASN A 343 -20.86 -13.43 -2.94
CA ASN A 343 -21.67 -12.20 -2.98
C ASN A 343 -22.17 -11.94 -4.40
N PRO A 344 -23.46 -11.64 -4.54
CA PRO A 344 -24.01 -11.45 -5.89
C PRO A 344 -23.76 -10.05 -6.42
N ILE A 345 -23.03 -9.23 -5.66
CA ILE A 345 -22.68 -7.89 -6.12
C ILE A 345 -21.26 -7.60 -5.64
N ALA A 346 -20.48 -6.92 -6.47
CA ALA A 346 -19.10 -6.60 -6.12
C ALA A 346 -19.04 -5.57 -5.01
N ASP A 347 -17.88 -5.51 -4.36
CA ASP A 347 -17.60 -4.59 -3.28
C ASP A 347 -16.39 -3.74 -3.71
N LEU A 348 -16.52 -2.43 -3.72
CA LEU A 348 -15.40 -1.59 -4.17
C LEU A 348 -14.18 -1.81 -3.28
N GLU A 349 -14.40 -1.85 -1.97
CA GLU A 349 -13.28 -2.03 -1.06
C GLU A 349 -12.47 -3.26 -1.45
N THR A 350 -13.13 -4.41 -1.56
CA THR A 350 -12.43 -5.65 -1.87
C THR A 350 -11.86 -5.64 -3.28
N THR A 351 -12.65 -5.13 -4.22
CA THR A 351 -12.25 -5.10 -5.62
C THR A 351 -11.04 -4.17 -5.86
N ALA A 352 -11.04 -2.97 -5.27
CA ALA A 352 -9.90 -2.06 -5.45
C ALA A 352 -8.65 -2.63 -4.79
N LEU A 353 -8.83 -3.23 -3.62
CA LEU A 353 -7.70 -3.86 -2.94
C LEU A 353 -7.16 -5.02 -3.78
N GLY A 354 -8.07 -5.87 -4.28
CA GLY A 354 -7.69 -6.99 -5.12
C GLY A 354 -6.96 -6.57 -6.40
N PHE A 355 -7.51 -5.58 -7.10
CA PHE A 355 -6.83 -5.06 -8.30
C PHE A 355 -5.39 -4.65 -8.00
N ARG A 356 -5.20 -3.86 -6.95
CA ARG A 356 -3.86 -3.41 -6.58
C ARG A 356 -2.89 -4.56 -6.23
N LEU A 357 -3.30 -5.45 -5.34
CA LEU A 357 -2.41 -6.52 -4.91
C LEU A 357 -2.14 -7.53 -6.04
N LEU A 358 -3.15 -7.82 -6.85
CA LEU A 358 -2.96 -8.72 -7.98
C LEU A 358 -1.99 -8.13 -9.00
N ARG A 359 -2.22 -6.88 -9.38
CA ARG A 359 -1.33 -6.25 -10.35
C ARG A 359 0.09 -6.16 -9.81
N LEU A 360 0.21 -5.72 -8.56
CA LEU A 360 1.51 -5.62 -7.89
C LEU A 360 2.26 -6.95 -7.87
N HIS A 361 1.52 -8.06 -7.86
CA HIS A 361 2.17 -9.37 -7.82
C HIS A 361 2.16 -10.03 -9.20
N ARG A 362 2.03 -9.20 -10.23
CA ARG A 362 2.23 -9.59 -11.63
C ARG A 362 1.14 -10.48 -12.20
N TYR A 363 -0.04 -10.45 -11.60
CA TYR A 363 -1.22 -11.06 -12.21
C TYR A 363 -1.77 -10.09 -13.23
N ASN A 364 -2.44 -10.62 -14.25
CA ASN A 364 -3.00 -9.76 -15.28
C ASN A 364 -4.43 -9.37 -14.93
N VAL A 365 -4.62 -8.10 -14.58
CA VAL A 365 -5.94 -7.57 -14.29
C VAL A 365 -6.15 -6.28 -15.08
N SER A 366 -7.40 -5.97 -15.37
CA SER A 366 -7.73 -4.79 -16.15
C SER A 366 -8.48 -3.79 -15.28
N PRO A 367 -8.13 -2.51 -15.41
CA PRO A 367 -8.83 -1.47 -14.66
C PRO A 367 -10.28 -1.29 -15.13
N ALA A 368 -10.65 -1.99 -16.20
CA ALA A 368 -12.03 -1.98 -16.66
C ALA A 368 -13.00 -2.53 -15.60
N ILE A 369 -12.51 -3.32 -14.64
CA ILE A 369 -13.40 -3.81 -13.58
C ILE A 369 -14.02 -2.69 -12.76
N PHE A 370 -13.40 -1.52 -12.77
CA PHE A 370 -13.95 -0.40 -12.02
C PHE A 370 -15.20 0.20 -12.66
N ASP A 371 -15.50 -0.20 -13.89
CA ASP A 371 -16.74 0.22 -14.54
C ASP A 371 -17.95 -0.28 -13.76
N ASN A 372 -17.77 -1.38 -13.02
CA ASN A 372 -18.83 -1.93 -12.19
C ASN A 372 -19.26 -1.00 -11.07
N PHE A 373 -18.55 0.11 -10.88
CA PHE A 373 -18.85 1.01 -9.78
C PHE A 373 -19.15 2.41 -10.28
N LYS A 374 -19.59 2.48 -11.54
CA LYS A 374 -19.85 3.75 -12.22
C LYS A 374 -21.33 3.93 -12.55
N ASP A 375 -21.64 5.05 -13.22
CA ASP A 375 -22.98 5.29 -13.75
C ASP A 375 -22.92 6.22 -14.98
N ALA A 376 -24.10 6.58 -15.50
CA ALA A 376 -24.20 7.50 -16.62
C ALA A 376 -23.26 7.12 -17.77
N PHE A 380 -18.84 7.63 -11.37
CA PHE A 380 -18.43 7.03 -10.10
C PHE A 380 -19.39 7.41 -8.98
N ILE A 381 -19.77 6.43 -8.16
CA ILE A 381 -20.70 6.65 -7.06
C ILE A 381 -20.11 6.27 -5.71
N CYS A 382 -20.56 5.15 -5.15
CA CYS A 382 -20.02 4.63 -3.90
C CYS A 382 -20.13 5.65 -2.76
N SER A 383 -21.21 6.42 -2.77
CA SER A 383 -21.45 7.40 -1.72
C SER A 383 -22.51 6.88 -0.75
N THR A 384 -22.94 5.64 -0.96
CA THR A 384 -23.89 4.99 -0.06
C THR A 384 -23.22 3.86 0.70
N GLY A 385 -23.59 3.71 1.97
CA GLY A 385 -23.06 2.66 2.82
C GLY A 385 -22.57 3.26 4.12
N GLN A 386 -22.03 2.45 5.02
CA GLN A 386 -21.52 3.03 6.26
C GLN A 386 -20.16 3.65 6.06
N PHE A 387 -19.89 4.66 6.87
CA PHE A 387 -18.86 5.63 6.55
C PHE A 387 -17.47 5.02 6.42
N ASN A 388 -17.11 4.16 7.36
CA ASN A 388 -15.78 3.54 7.36
C ASN A 388 -15.56 2.68 6.13
N LYS A 389 -16.58 1.93 5.73
CA LYS A 389 -16.45 1.15 4.51
C LYS A 389 -16.26 2.05 3.27
N ASP A 390 -17.03 3.13 3.18
CA ASP A 390 -16.93 4.01 2.03
C ASP A 390 -15.55 4.63 1.94
N VAL A 391 -15.07 5.13 3.07
CA VAL A 391 -13.73 5.69 3.15
C VAL A 391 -12.64 4.65 2.77
N ALA A 392 -12.79 3.44 3.28
CA ALA A 392 -11.85 2.36 2.97
C ALA A 392 -11.84 2.07 1.48
N SER A 393 -13.04 2.00 0.88
CA SER A 393 -13.17 1.76 -0.56
C SER A 393 -12.45 2.83 -1.38
N MET A 394 -12.56 4.08 -0.94
CA MET A 394 -11.93 5.19 -1.66
C MET A 394 -10.42 5.27 -1.40
N LEU A 395 -9.99 4.94 -0.18
CA LEU A 395 -8.55 4.82 0.05
C LEU A 395 -7.97 3.75 -0.87
N ASN A 396 -8.66 2.62 -0.99
CA ASN A 396 -8.17 1.52 -1.82
C ASN A 396 -8.21 1.89 -3.29
N LEU A 397 -9.26 2.59 -3.71
CA LEU A 397 -9.35 3.02 -5.10
C LEU A 397 -8.19 3.98 -5.42
N TYR A 398 -7.96 4.92 -4.51
CA TYR A 398 -6.86 5.87 -4.64
C TYR A 398 -5.51 5.16 -4.82
N ARG A 399 -5.21 4.22 -3.93
CA ARG A 399 -3.95 3.49 -4.04
C ARG A 399 -3.88 2.65 -5.33
N ALA A 400 -4.98 2.00 -5.67
CA ALA A 400 -5.03 1.20 -6.89
C ALA A 400 -4.75 2.06 -8.13
N SER A 401 -5.28 3.27 -8.14
CA SER A 401 -5.17 4.14 -9.32
C SER A 401 -3.72 4.51 -9.64
N GLN A 402 -2.85 4.46 -8.64
CA GLN A 402 -1.44 4.82 -8.84
C GLN A 402 -0.65 3.78 -9.61
N LEU A 403 -1.23 2.60 -9.78
CA LEU A 403 -0.56 1.50 -10.48
C LEU A 403 -0.93 1.49 -11.98
N ALA A 404 -1.30 2.66 -12.49
CA ALA A 404 -1.72 2.79 -13.89
C ALA A 404 -0.61 2.46 -14.92
N PHE A 405 -0.99 1.68 -15.93
CA PHE A 405 -0.14 1.44 -17.10
C PHE A 405 -0.52 2.46 -18.21
N PRO A 406 0.32 2.60 -19.24
CA PRO A 406 0.04 3.55 -20.33
C PRO A 406 -1.37 3.38 -20.91
N GLY A 407 -2.06 4.49 -21.17
CA GLY A 407 -3.36 4.45 -21.81
C GLY A 407 -4.55 4.07 -20.92
N GLU A 408 -4.31 3.78 -19.65
CA GLU A 408 -5.40 3.42 -18.75
C GLU A 408 -6.12 4.66 -18.18
N ASN A 409 -6.88 5.34 -19.03
CA ASN A 409 -7.58 6.55 -18.66
C ASN A 409 -8.49 6.43 -17.45
N ILE A 410 -9.18 5.30 -17.33
CA ILE A 410 -10.11 5.11 -16.22
C ILE A 410 -9.41 5.26 -14.85
N LEU A 411 -8.12 4.90 -14.78
CA LEU A 411 -7.42 5.02 -13.49
C LEU A 411 -7.07 6.47 -13.16
N ASP A 412 -6.77 7.27 -14.18
CA ASP A 412 -6.62 8.71 -13.99
C ASP A 412 -7.93 9.31 -13.44
N GLU A 413 -9.05 8.89 -14.01
CA GLU A 413 -10.35 9.34 -13.54
C GLU A 413 -10.58 8.89 -12.09
N ALA A 414 -10.24 7.65 -11.82
CA ALA A 414 -10.41 7.09 -10.48
C ALA A 414 -9.57 7.88 -9.49
N LYS A 415 -8.32 8.15 -9.87
CA LYS A 415 -7.43 8.91 -9.01
C LYS A 415 -8.07 10.26 -8.66
N SER A 416 -8.48 10.99 -9.68
CA SER A 416 -9.13 12.28 -9.48
CA SER A 416 -9.14 12.27 -9.49
C SER A 416 -10.35 12.16 -8.55
N PHE A 417 -11.23 11.21 -8.86
CA PHE A 417 -12.44 11.04 -8.06
C PHE A 417 -12.14 10.71 -6.60
N ALA A 418 -11.27 9.73 -6.36
CA ALA A 418 -10.95 9.31 -5.00
C ALA A 418 -10.30 10.43 -4.21
N THR A 419 -9.38 11.16 -4.85
CA THR A 419 -8.74 12.32 -4.23
C THR A 419 -9.77 13.34 -3.73
N LYS A 420 -10.71 13.71 -4.61
CA LYS A 420 -11.74 14.68 -4.24
C LYS A 420 -12.60 14.13 -3.09
N TYR A 421 -12.99 12.87 -3.21
CA TYR A 421 -13.75 12.21 -2.14
C TYR A 421 -13.04 12.30 -0.81
N LEU A 422 -11.77 11.92 -0.81
CA LEU A 422 -10.99 11.84 0.43
C LEU A 422 -10.78 13.22 1.07
N ARG A 423 -10.55 14.24 0.24
CA ARG A 423 -10.40 15.59 0.77
C ARG A 423 -11.73 16.05 1.40
N GLU A 424 -12.84 15.71 0.77
CA GLU A 424 -14.14 16.02 1.34
C GLU A 424 -14.37 15.24 2.64
N ALA A 425 -13.97 13.98 2.67
CA ALA A 425 -14.15 13.18 3.87
C ALA A 425 -13.44 13.80 5.06
N LEU A 426 -12.27 14.40 4.83
CA LEU A 426 -11.52 15.06 5.89
C LEU A 426 -12.35 16.15 6.56
N GLU A 427 -13.28 16.73 5.80
CA GLU A 427 -14.08 17.86 6.28
C GLU A 427 -15.38 17.42 6.95
N LYS A 428 -15.72 16.14 6.86
CA LYS A 428 -16.99 15.65 7.40
C LYS A 428 -16.89 15.38 8.90
N SER A 429 -17.95 15.66 9.64
CA SER A 429 -17.92 15.46 11.09
C SER A 429 -17.68 13.99 11.49
N GLU A 430 -18.19 13.05 10.69
CA GLU A 430 -18.01 11.63 10.99
C GLU A 430 -16.53 11.27 11.18
N THR A 431 -15.67 11.87 10.37
CA THR A 431 -14.24 11.57 10.43
C THR A 431 -13.65 11.88 11.81
N SER A 432 -14.28 12.81 12.51
CA SER A 432 -13.83 13.22 13.84
C SER A 432 -14.66 12.60 14.96
N SER A 433 -15.36 11.50 14.69
CA SER A 433 -16.07 10.81 15.76
C SER A 433 -15.05 10.27 16.76
N ALA A 434 -15.50 9.95 17.97
CA ALA A 434 -14.62 9.37 18.98
C ALA A 434 -13.95 8.09 18.47
N TRP A 435 -14.74 7.25 17.79
CA TRP A 435 -14.23 6.00 17.23
C TRP A 435 -13.12 6.27 16.21
N ASN A 436 -13.38 7.18 15.28
CA ASN A 436 -12.44 7.45 14.21
C ASN A 436 -11.18 8.14 14.72
N ASN A 437 -11.35 9.03 15.68
CA ASN A 437 -10.20 9.69 16.31
C ASN A 437 -9.30 8.70 17.04
N LYS A 438 -9.90 7.74 17.71
CA LYS A 438 -9.13 6.73 18.42
C LYS A 438 -8.33 5.86 17.46
N GLN A 439 -8.76 5.80 16.21
CA GLN A 439 -7.99 5.04 15.20
C GLN A 439 -7.16 5.93 14.28
N ASN A 440 -7.11 7.21 14.59
CA ASN A 440 -6.34 8.17 13.78
C ASN A 440 -6.73 8.16 12.28
N LEU A 441 -8.02 8.13 12.00
CA LEU A 441 -8.49 8.05 10.61
C LEU A 441 -8.08 9.27 9.80
N SER A 442 -8.22 10.46 10.37
CA SER A 442 -7.95 11.67 9.61
C SER A 442 -6.46 11.70 9.27
N GLN A 443 -5.64 11.30 10.23
CA GLN A 443 -4.20 11.15 10.01
C GLN A 443 -3.91 10.17 8.88
N GLU A 444 -4.63 9.05 8.86
CA GLU A 444 -4.41 8.03 7.84
C GLU A 444 -4.80 8.56 6.44
N ILE A 445 -5.95 9.22 6.36
CA ILE A 445 -6.36 9.85 5.11
C ILE A 445 -5.34 10.90 4.63
N LYS A 446 -4.96 11.80 5.53
CA LYS A 446 -3.98 12.83 5.16
C LYS A 446 -2.67 12.20 4.69
N TYR A 447 -2.26 11.11 5.33
CA TYR A 447 -0.99 10.48 4.96
C TYR A 447 -1.09 9.83 3.59
N ALA A 448 -2.23 9.21 3.31
CA ALA A 448 -2.43 8.58 2.01
C ALA A 448 -2.38 9.63 0.90
N LEU A 449 -3.00 10.78 1.14
CA LEU A 449 -3.09 11.81 0.11
C LEU A 449 -1.75 12.47 -0.19
N LYS A 450 -0.87 12.52 0.79
CA LYS A 450 0.41 13.18 0.56
C LYS A 450 1.46 12.18 0.08
N THR A 451 1.07 10.91 0.05
CA THR A 451 2.02 9.86 -0.30
C THR A 451 1.82 9.33 -1.72
N SER A 452 2.86 9.46 -2.53
CA SER A 452 2.84 8.92 -3.87
C SER A 452 3.56 7.57 -3.86
N TRP A 453 2.91 6.52 -4.35
CA TRP A 453 3.49 5.20 -4.37
C TRP A 453 4.84 5.21 -5.11
N HIS A 454 4.90 5.92 -6.23
CA HIS A 454 6.14 5.99 -6.98
C HIS A 454 7.21 6.74 -6.19
N ALA A 455 6.83 7.87 -5.58
CA ALA A 455 7.79 8.65 -4.80
C ALA A 455 7.79 8.23 -3.33
N SER A 456 8.11 6.97 -3.09
CA SER A 456 8.19 6.41 -1.73
C SER A 456 9.53 5.71 -1.48
N VAL A 457 10.03 5.80 -0.25
CA VAL A 457 11.20 5.05 0.21
C VAL A 457 10.72 3.75 0.84
N PRO A 458 10.95 2.62 0.16
CA PRO A 458 10.34 1.36 0.60
C PRO A 458 10.62 0.97 2.06
N ARG A 459 11.89 0.99 2.46
CA ARG A 459 12.23 0.64 3.84
C ARG A 459 11.58 1.59 4.84
N VAL A 460 11.50 2.87 4.49
CA VAL A 460 10.88 3.87 5.37
C VAL A 460 9.38 3.65 5.53
N GLU A 461 8.69 3.33 4.43
CA GLU A 461 7.26 3.04 4.49
C GLU A 461 6.97 1.85 5.37
N ALA A 462 7.81 0.81 5.28
CA ALA A 462 7.64 -0.36 6.13
C ALA A 462 7.89 -0.01 7.60
N LYS A 463 8.97 0.74 7.85
CA LYS A 463 9.23 1.21 9.22
C LYS A 463 8.03 2.00 9.77
N ARG A 464 7.51 2.90 8.96
CA ARG A 464 6.39 3.72 9.39
C ARG A 464 5.14 2.88 9.63
N TYR A 465 4.92 1.88 8.79
CA TYR A 465 3.73 1.06 8.97
C TYR A 465 3.84 0.22 10.25
N CYS A 466 5.07 -0.21 10.58
CA CYS A 466 5.28 -0.93 11.84
C CYS A 466 4.83 -0.07 13.03
N GLN A 467 4.78 1.24 12.84
CA GLN A 467 4.44 2.13 13.93
C GLN A 467 2.96 2.50 13.94
N VAL A 468 2.23 2.05 12.94
CA VAL A 468 0.80 2.36 12.81
C VAL A 468 -0.07 1.11 12.92
N TYR A 469 0.46 -0.02 12.47
CA TYR A 469 -0.25 -1.30 12.51
C TYR A 469 -0.74 -1.63 13.92
N ARG A 470 -2.01 -1.99 14.03
CA ARG A 470 -2.61 -2.37 15.31
C ARG A 470 -2.97 -3.85 15.38
N PRO A 471 -2.30 -4.59 16.26
CA PRO A 471 -2.66 -6.00 16.44
C PRO A 471 -4.12 -6.19 16.89
N ASP A 472 -4.69 -5.21 17.58
CA ASP A 472 -6.06 -5.36 18.08
C ASP A 472 -7.04 -4.46 17.30
N TYR A 473 -6.72 -4.13 16.04
CA TYR A 473 -7.57 -3.27 15.22
C TYR A 473 -8.99 -3.82 15.14
N ALA A 474 -9.98 -2.96 15.37
CA ALA A 474 -11.38 -3.34 15.25
C ALA A 474 -12.03 -2.70 14.02
N ARG A 475 -12.79 -3.50 13.28
CA ARG A 475 -13.49 -3.03 12.09
C ARG A 475 -14.98 -2.91 12.35
N ILE A 476 -15.68 -2.22 11.45
CA ILE A 476 -17.12 -2.02 11.59
C ILE A 476 -17.89 -2.56 10.39
N ALA A 477 -18.92 -3.35 10.69
CA ALA A 477 -19.98 -3.65 9.72
C ALA A 477 -21.30 -3.65 10.52
N LYS A 478 -22.12 -4.69 10.39
CA LYS A 478 -23.34 -4.74 11.23
C LYS A 478 -22.99 -4.62 12.71
N CYS A 479 -21.81 -5.15 13.08
CA CYS A 479 -21.31 -4.95 14.43
C CYS A 479 -19.82 -4.70 14.31
N VAL A 480 -19.21 -4.31 15.42
CA VAL A 480 -17.76 -4.18 15.49
C VAL A 480 -17.18 -5.60 15.47
N TYR A 481 -16.16 -5.82 14.66
CA TYR A 481 -15.53 -7.15 14.59
C TYR A 481 -14.01 -7.05 14.40
N LYS A 482 -13.34 -8.20 14.57
CA LYS A 482 -11.92 -8.28 14.33
C LYS A 482 -11.62 -9.49 13.43
N LEU A 483 -10.52 -9.38 12.69
CA LEU A 483 -9.99 -10.46 11.88
C LEU A 483 -8.59 -10.83 12.41
N PRO A 484 -8.51 -11.81 13.32
CA PRO A 484 -7.21 -12.09 13.94
C PRO A 484 -6.10 -12.57 12.98
N TYR A 485 -6.43 -13.12 11.81
CA TYR A 485 -5.39 -13.46 10.84
C TYR A 485 -4.75 -12.22 10.23
N VAL A 486 -5.47 -11.10 10.29
CA VAL A 486 -4.99 -9.87 9.66
C VAL A 486 -4.28 -9.02 10.71
N ASN A 487 -4.94 -8.89 11.85
CA ASN A 487 -4.46 -8.07 12.96
C ASN A 487 -4.10 -8.93 14.15
N ASN A 488 -2.80 -9.05 14.42
CA ASN A 488 -2.35 -9.87 15.52
C ASN A 488 -0.95 -9.45 15.98
N GLU A 489 -0.54 -9.90 17.17
CA GLU A 489 0.75 -9.48 17.73
C GLU A 489 1.95 -10.04 16.96
N LYS A 490 1.85 -11.27 16.45
CA LYS A 490 2.98 -11.89 15.75
C LYS A 490 3.45 -11.11 14.52
N PHE A 491 2.51 -10.60 13.73
CA PHE A 491 2.85 -9.82 12.55
C PHE A 491 3.74 -8.66 12.94
N LEU A 492 3.32 -7.94 13.98
CA LEU A 492 4.03 -6.74 14.40
C LEU A 492 5.37 -7.09 15.03
N GLU A 493 5.37 -8.13 15.85
CA GLU A 493 6.61 -8.59 16.45
C GLU A 493 7.66 -8.84 15.38
N LEU A 494 7.29 -9.61 14.36
CA LEU A 494 8.24 -9.90 13.28
C LEU A 494 8.57 -8.64 12.48
N GLY A 495 7.58 -7.79 12.23
CA GLY A 495 7.82 -6.56 11.49
C GLY A 495 8.93 -5.70 12.09
N LYS A 496 8.86 -5.48 13.40
CA LYS A 496 9.82 -4.61 14.08
C LYS A 496 11.19 -5.26 14.15
N LEU A 497 11.21 -6.54 14.49
CA LEU A 497 12.48 -7.26 14.58
C LEU A 497 13.18 -7.37 13.23
N ASP A 498 12.42 -7.76 12.21
CA ASP A 498 12.98 -7.93 10.87
C ASP A 498 13.54 -6.59 10.39
N PHE A 499 12.79 -5.52 10.63
CA PHE A 499 13.28 -4.21 10.22
C PHE A 499 14.62 -3.90 10.91
N ASN A 500 14.68 -4.14 12.22
CA ASN A 500 15.88 -3.84 12.99
C ASN A 500 17.09 -4.67 12.57
N ILE A 501 16.85 -5.93 12.23
CA ILE A 501 17.93 -6.81 11.80
C ILE A 501 18.51 -6.33 10.47
N ILE A 502 17.65 -6.09 9.50
CA ILE A 502 18.10 -5.58 8.21
C ILE A 502 18.89 -4.29 8.41
N GLN A 503 18.37 -3.40 9.25
CA GLN A 503 19.02 -2.12 9.47
C GLN A 503 20.41 -2.31 10.07
N SER A 504 20.53 -3.24 11.02
CA SER A 504 21.82 -3.44 11.68
C SER A 504 22.80 -4.03 10.67
N ILE A 505 22.30 -4.90 9.79
CA ILE A 505 23.15 -5.39 8.71
C ILE A 505 23.65 -4.23 7.85
N HIS A 506 22.75 -3.34 7.46
CA HIS A 506 23.15 -2.17 6.67
C HIS A 506 24.15 -1.28 7.39
N GLN A 507 24.00 -1.13 8.70
CA GLN A 507 24.94 -0.31 9.47
C GLN A 507 26.36 -0.85 9.41
N GLU A 508 26.51 -2.18 9.46
CA GLU A 508 27.83 -2.79 9.27
C GLU A 508 28.37 -2.52 7.86
N GLU A 509 27.48 -2.59 6.86
CA GLU A 509 27.86 -2.30 5.49
C GLU A 509 28.32 -0.86 5.33
N MET A 510 27.65 0.06 6.04
CA MET A 510 28.01 1.48 5.98
C MET A 510 29.39 1.75 6.58
N LYS A 511 29.76 0.96 7.58
CA LYS A 511 31.13 1.03 8.08
C LYS A 511 32.11 0.65 6.97
N ASN A 512 31.80 -0.42 6.25
CA ASN A 512 32.67 -0.86 5.15
C ASN A 512 32.76 0.19 4.05
N VAL A 513 31.61 0.79 3.74
CA VAL A 513 31.55 1.81 2.70
C VAL A 513 32.41 3.00 3.05
N THR A 514 32.19 3.55 4.24
CA THR A 514 32.89 4.76 4.63
C THR A 514 34.37 4.47 4.82
N SER A 515 34.70 3.24 5.22
CA SER A 515 36.10 2.81 5.36
CA SER A 515 36.09 2.84 5.36
C SER A 515 36.76 2.74 3.99
N TRP A 516 36.07 2.13 3.03
CA TRP A 516 36.56 2.09 1.67
C TRP A 516 36.74 3.52 1.13
N PHE A 517 35.71 4.34 1.36
CA PHE A 517 35.72 5.69 0.80
C PHE A 517 36.93 6.49 1.25
N ARG A 518 37.22 6.43 2.55
CA ARG A 518 38.35 7.11 3.15
C ARG A 518 39.69 6.79 2.50
N ASP A 519 39.89 5.53 2.14
CA ASP A 519 41.18 5.08 1.59
C ASP A 519 41.18 5.04 0.07
N SER A 520 40.07 5.47 -0.54
CA SER A 520 39.86 5.28 -1.97
C SER A 520 40.57 6.34 -2.83
N GLY A 521 40.93 7.46 -2.21
CA GLY A 521 41.46 8.60 -2.95
C GLY A 521 40.41 9.63 -3.34
N LEU A 522 39.14 9.24 -3.34
CA LEU A 522 38.07 10.16 -3.73
C LEU A 522 37.97 11.45 -2.89
N PRO A 523 38.28 11.36 -1.58
CA PRO A 523 38.27 12.57 -0.75
C PRO A 523 39.24 13.65 -1.20
N LEU A 524 40.19 13.30 -2.06
CA LEU A 524 41.18 14.27 -2.52
C LEU A 524 40.58 15.26 -3.51
N PHE A 525 39.42 14.93 -4.06
CA PHE A 525 38.76 15.83 -4.99
C PHE A 525 37.89 16.82 -4.23
N THR A 526 38.53 17.87 -3.72
CA THR A 526 37.89 18.79 -2.80
C THR A 526 36.85 19.69 -3.50
N PHE A 527 36.85 19.67 -4.83
CA PHE A 527 35.81 20.37 -5.58
C PHE A 527 34.48 19.62 -5.56
N ALA A 528 34.49 18.38 -5.07
CA ALA A 528 33.27 17.58 -5.03
C ALA A 528 32.85 17.29 -3.59
N ARG A 529 31.55 17.34 -3.32
CA ARG A 529 31.07 16.96 -1.99
C ARG A 529 31.16 15.44 -1.77
N GLU A 530 31.53 15.04 -0.55
CA GLU A 530 31.55 13.63 -0.18
C GLU A 530 30.13 13.21 0.20
N ARG A 531 29.60 12.21 -0.48
CA ARG A 531 28.23 11.74 -0.19
C ARG A 531 28.08 10.22 -0.18
N PRO A 532 29.02 9.50 0.46
CA PRO A 532 28.94 8.04 0.35
C PRO A 532 27.66 7.47 0.97
N LEU A 533 27.21 8.03 2.09
CA LEU A 533 26.02 7.51 2.75
C LEU A 533 24.75 7.80 1.96
N GLU A 534 24.73 8.96 1.31
CA GLU A 534 23.60 9.32 0.48
C GLU A 534 23.43 8.33 -0.68
N PHE A 535 24.53 7.94 -1.29
CA PHE A 535 24.47 7.00 -2.40
C PHE A 535 24.20 5.58 -1.93
N TYR A 536 24.71 5.24 -0.75
CA TYR A 536 24.41 3.95 -0.19
C TYR A 536 22.91 3.85 0.10
N PHE A 537 22.36 4.92 0.67
CA PHE A 537 20.92 5.01 0.92
C PHE A 537 20.11 4.85 -0.37
N LEU A 538 20.57 5.48 -1.45
CA LEU A 538 19.82 5.42 -2.71
C LEU A 538 19.50 3.98 -3.12
N VAL A 539 20.46 3.08 -2.90
CA VAL A 539 20.21 1.68 -3.23
C VAL A 539 19.67 0.87 -2.06
N ALA A 540 20.24 1.06 -0.88
CA ALA A 540 19.88 0.20 0.27
C ALA A 540 18.44 0.40 0.77
N ALA A 541 17.87 1.57 0.51
CA ALA A 541 16.51 1.87 0.98
C ALA A 541 15.47 1.09 0.18
N GLY A 542 15.88 0.53 -0.96
CA GLY A 542 14.97 -0.23 -1.81
C GLY A 542 15.38 -1.67 -1.98
N THR A 543 16.67 -1.89 -2.23
CA THR A 543 17.21 -3.23 -2.39
C THR A 543 17.95 -3.55 -1.10
N TYR A 544 17.23 -4.11 -0.12
CA TYR A 544 17.69 -4.20 1.27
C TYR A 544 18.09 -5.62 1.71
N GLU A 545 17.72 -6.62 0.93
CA GLU A 545 17.93 -8.01 1.34
C GLU A 545 19.40 -8.33 1.63
N PRO A 546 19.65 -9.15 2.67
CA PRO A 546 21.00 -9.45 3.14
C PRO A 546 21.91 -10.00 2.06
N GLN A 547 21.37 -10.80 1.15
CA GLN A 547 22.20 -11.43 0.13
C GLN A 547 22.75 -10.46 -0.94
N TYR A 548 22.25 -9.23 -0.97
CA TYR A 548 22.64 -8.26 -2.00
C TYR A 548 23.66 -7.22 -1.50
N ALA A 549 24.47 -7.61 -0.51
CA ALA A 549 25.53 -6.74 0.02
C ALA A 549 26.48 -6.25 -1.07
N LYS A 550 26.88 -7.14 -1.96
CA LYS A 550 27.85 -6.80 -3.01
C LYS A 550 27.28 -5.76 -3.99
N CYS A 551 26.05 -6.01 -4.43
CA CYS A 551 25.28 -5.05 -5.23
C CYS A 551 25.30 -3.64 -4.62
N ARG A 552 24.92 -3.54 -3.35
CA ARG A 552 24.89 -2.24 -2.68
C ARG A 552 26.28 -1.59 -2.62
N PHE A 553 27.29 -2.42 -2.35
CA PHE A 553 28.66 -1.94 -2.17
C PHE A 553 29.21 -1.33 -3.46
N LEU A 554 29.12 -2.10 -4.55
CA LEU A 554 29.62 -1.66 -5.85
C LEU A 554 28.82 -0.48 -6.42
N PHE A 555 27.50 -0.53 -6.24
CA PHE A 555 26.64 0.57 -6.63
C PHE A 555 27.11 1.86 -5.96
N THR A 556 27.40 1.78 -4.66
CA THR A 556 27.86 2.95 -3.91
C THR A 556 29.23 3.45 -4.41
N LYS A 557 30.13 2.52 -4.72
CA LYS A 557 31.43 2.93 -5.23
C LYS A 557 31.29 3.74 -6.51
N VAL A 558 30.51 3.20 -7.43
CA VAL A 558 30.32 3.83 -8.73
C VAL A 558 29.69 5.21 -8.59
N ALA A 559 28.66 5.32 -7.73
CA ALA A 559 28.00 6.61 -7.53
C ALA A 559 28.95 7.66 -6.94
N CYS A 560 29.82 7.23 -6.02
CA CYS A 560 30.82 8.14 -5.44
C CYS A 560 31.78 8.64 -6.51
N LEU A 561 32.20 7.74 -7.39
CA LEU A 561 33.06 8.10 -8.50
C LEU A 561 32.35 9.08 -9.43
N GLN A 562 31.10 8.76 -9.76
CA GLN A 562 30.30 9.57 -10.68
C GLN A 562 30.10 11.01 -10.24
N THR A 563 29.90 11.23 -8.94
CA THR A 563 29.69 12.59 -8.48
C THR A 563 30.95 13.43 -8.71
N VAL A 564 32.11 12.79 -8.59
CA VAL A 564 33.36 13.46 -8.93
C VAL A 564 33.46 13.71 -10.43
N LEU A 565 33.13 12.70 -11.23
CA LEU A 565 33.20 12.84 -12.68
C LEU A 565 32.26 13.94 -13.13
N ASP A 566 31.07 13.96 -12.53
CA ASP A 566 30.07 14.97 -12.84
C ASP A 566 30.57 16.39 -12.56
N ASP A 567 31.08 16.63 -11.35
CA ASP A 567 31.58 17.94 -10.98
C ASP A 567 32.74 18.33 -11.89
N MET A 568 33.57 17.34 -12.21
CA MET A 568 34.71 17.58 -13.09
C MET A 568 34.28 18.07 -14.48
N TYR A 569 33.32 17.37 -15.09
CA TYR A 569 32.89 17.73 -16.44
C TYR A 569 32.02 18.98 -16.51
N ASP A 570 31.09 19.15 -15.57
CA ASP A 570 30.15 20.26 -15.72
C ASP A 570 30.54 21.53 -14.96
N THR A 571 31.64 21.48 -14.21
CA THR A 571 32.02 22.59 -13.36
C THR A 571 33.53 22.85 -13.31
N TYR A 572 34.28 21.89 -12.79
CA TYR A 572 35.67 22.13 -12.41
C TYR A 572 36.67 22.10 -13.58
N GLY A 573 36.50 21.16 -14.50
CA GLY A 573 37.46 20.99 -15.57
C GLY A 573 37.31 22.04 -16.67
N THR A 574 38.40 22.33 -17.36
CA THR A 574 38.34 23.18 -18.54
C THR A 574 38.10 22.29 -19.74
N LEU A 575 37.61 22.86 -20.83
CA LEU A 575 37.29 22.05 -21.99
C LEU A 575 38.53 21.33 -22.51
N ASP A 576 39.68 22.02 -22.55
CA ASP A 576 40.91 21.36 -23.02
C ASP A 576 41.36 20.24 -22.09
N GLU A 577 41.25 20.45 -20.78
CA GLU A 577 41.49 19.36 -19.84
C GLU A 577 40.51 18.20 -20.10
N LEU A 578 39.23 18.53 -20.23
CA LEU A 578 38.21 17.52 -20.45
C LEU A 578 38.41 16.77 -21.76
N LYS A 579 38.87 17.47 -22.80
CA LYS A 579 39.16 16.81 -24.06
C LYS A 579 40.25 15.76 -23.86
N LEU A 580 41.27 16.10 -23.08
CA LEU A 580 42.31 15.15 -22.71
C LEU A 580 41.77 13.97 -21.92
N PHE A 581 40.93 14.25 -20.94
CA PHE A 581 40.40 13.16 -20.11
C PHE A 581 39.57 12.24 -20.98
N THR A 582 38.79 12.84 -21.88
CA THR A 582 37.90 12.08 -22.73
C THR A 582 38.67 11.18 -23.68
N GLU A 583 39.81 11.66 -24.18
CA GLU A 583 40.65 10.82 -25.02
C GLU A 583 41.20 9.63 -24.21
N ALA A 584 41.57 9.87 -22.96
CA ALA A 584 42.05 8.81 -22.10
C ALA A 584 40.91 7.80 -21.89
N VAL A 585 39.68 8.29 -21.88
CA VAL A 585 38.54 7.41 -21.70
C VAL A 585 38.46 6.43 -22.88
N ARG A 586 38.72 6.94 -24.08
CA ARG A 586 38.71 6.11 -25.28
C ARG A 586 39.78 5.03 -25.29
N ARG A 587 40.93 5.33 -24.70
CA ARG A 587 42.11 4.48 -24.88
C ARG A 587 42.22 3.31 -23.91
N TRP A 588 41.63 3.43 -22.72
CA TRP A 588 41.70 2.39 -21.70
C TRP A 588 43.14 1.98 -21.40
N ASP A 589 43.99 2.97 -21.20
CA ASP A 589 45.44 2.76 -21.08
C ASP A 589 45.97 3.63 -19.95
N LEU A 590 46.36 2.99 -18.84
CA LEU A 590 46.88 3.73 -17.70
C LEU A 590 48.13 4.52 -18.07
N SER A 591 48.95 3.97 -18.94
CA SER A 591 50.20 4.62 -19.33
C SER A 591 49.92 5.94 -20.04
N PHE A 592 48.77 6.04 -20.69
CA PHE A 592 48.43 7.23 -21.45
C PHE A 592 48.20 8.46 -20.57
N THR A 593 47.95 8.24 -19.29
CA THR A 593 47.60 9.34 -18.40
C THR A 593 48.76 10.27 -18.04
N GLU A 594 49.96 9.95 -18.51
CA GLU A 594 51.11 10.83 -18.32
C GLU A 594 50.81 12.23 -18.87
N ASN A 595 49.90 12.31 -19.83
CA ASN A 595 49.56 13.57 -20.49
C ASN A 595 48.59 14.41 -19.68
N LEU A 596 47.90 13.79 -18.73
CA LEU A 596 46.82 14.45 -18.02
C LEU A 596 47.35 15.34 -16.90
N PRO A 597 46.58 16.39 -16.54
CA PRO A 597 46.90 17.16 -15.35
C PRO A 597 46.91 16.24 -14.13
N ASP A 598 47.65 16.60 -13.10
CA ASP A 598 47.81 15.74 -11.93
C ASP A 598 46.48 15.21 -11.37
N TYR A 599 45.50 16.09 -11.20
CA TYR A 599 44.26 15.66 -10.55
C TYR A 599 43.53 14.63 -11.40
N MET A 600 43.69 14.75 -12.72
CA MET A 600 43.07 13.84 -13.67
C MET A 600 43.80 12.50 -13.74
N LYS A 601 45.12 12.54 -13.54
CA LYS A 601 45.89 11.30 -13.42
C LYS A 601 45.30 10.45 -12.30
N LEU A 602 45.07 11.06 -11.16
CA LEU A 602 44.48 10.35 -10.02
C LEU A 602 43.04 9.93 -10.35
N CYS A 603 42.27 10.85 -10.92
CA CYS A 603 40.88 10.55 -11.20
C CYS A 603 40.77 9.38 -12.16
N TYR A 604 41.65 9.36 -13.16
CA TYR A 604 41.58 8.29 -14.15
C TYR A 604 41.92 6.95 -13.51
N GLN A 605 42.90 6.95 -12.62
CA GLN A 605 43.33 5.72 -11.95
CA GLN A 605 43.31 5.71 -11.95
C GLN A 605 42.17 5.11 -11.15
N ILE A 606 41.49 5.94 -10.36
CA ILE A 606 40.39 5.45 -9.52
C ILE A 606 39.23 4.95 -10.41
N TYR A 607 38.94 5.72 -11.43
CA TYR A 607 37.90 5.36 -12.39
C TYR A 607 38.20 4.00 -13.00
N TYR A 608 39.42 3.84 -13.49
CA TYR A 608 39.82 2.62 -14.16
C TYR A 608 39.71 1.42 -13.21
N ASP A 609 40.14 1.61 -11.97
CA ASP A 609 40.06 0.53 -10.98
C ASP A 609 38.63 0.15 -10.63
N ILE A 610 37.78 1.15 -10.40
CA ILE A 610 36.39 0.87 -10.06
C ILE A 610 35.65 0.19 -11.21
N VAL A 611 35.87 0.67 -12.43
CA VAL A 611 35.25 0.05 -13.59
C VAL A 611 35.58 -1.44 -13.65
N HIS A 612 36.86 -1.78 -13.52
CA HIS A 612 37.26 -3.17 -13.69
C HIS A 612 36.98 -4.05 -12.48
N GLU A 613 36.92 -3.48 -11.27
CA GLU A 613 36.42 -4.23 -10.11
C GLU A 613 34.95 -4.62 -10.32
N VAL A 614 34.15 -3.65 -10.77
CA VAL A 614 32.74 -3.93 -11.04
C VAL A 614 32.64 -4.99 -12.11
N ALA A 615 33.43 -4.86 -13.18
CA ALA A 615 33.34 -5.81 -14.28
C ALA A 615 33.75 -7.21 -13.85
N TRP A 616 34.82 -7.31 -13.07
CA TRP A 616 35.24 -8.63 -12.55
C TRP A 616 34.12 -9.27 -11.71
N GLU A 617 33.52 -8.51 -10.80
CA GLU A 617 32.43 -9.05 -9.97
C GLU A 617 31.26 -9.50 -10.85
N ALA A 618 30.90 -8.69 -11.86
CA ALA A 618 29.80 -9.02 -12.76
C ALA A 618 30.10 -10.30 -13.56
N GLU A 619 31.33 -10.40 -14.08
CA GLU A 619 31.70 -11.59 -14.82
C GLU A 619 31.65 -12.82 -13.92
N LYS A 620 32.03 -12.64 -12.66
CA LYS A 620 31.97 -13.74 -11.71
C LYS A 620 30.53 -14.18 -11.51
N GLU A 621 29.63 -13.23 -11.27
CA GLU A 621 28.24 -13.56 -11.02
C GLU A 621 27.55 -14.10 -12.27
N GLN A 622 27.88 -13.54 -13.43
CA GLN A 622 27.15 -13.85 -14.67
C GLN A 622 27.73 -15.00 -15.51
N GLY A 623 29.00 -15.32 -15.27
CA GLY A 623 29.64 -16.40 -16.00
C GLY A 623 29.84 -16.15 -17.49
N ARG A 624 29.91 -14.88 -17.88
CA ARG A 624 30.20 -14.51 -19.26
C ARG A 624 30.97 -13.19 -19.27
N GLU A 625 31.56 -12.87 -20.42
CA GLU A 625 32.40 -11.68 -20.53
C GLU A 625 31.58 -10.40 -20.49
N LEU A 626 32.04 -9.40 -19.73
CA LEU A 626 31.29 -8.17 -19.58
C LEU A 626 32.16 -6.92 -19.54
N VAL A 627 33.48 -7.11 -19.48
CA VAL A 627 34.39 -5.95 -19.50
C VAL A 627 34.10 -5.04 -20.70
N SER A 628 33.93 -5.66 -21.87
CA SER A 628 33.71 -4.90 -23.08
C SER A 628 32.39 -4.13 -23.03
N PHE A 629 31.35 -4.79 -22.51
CA PHE A 629 30.03 -4.16 -22.36
C PHE A 629 30.06 -3.01 -21.37
N PHE A 630 30.77 -3.19 -20.27
CA PHE A 630 30.90 -2.12 -19.29
C PHE A 630 31.72 -0.95 -19.83
N ARG A 631 32.78 -1.26 -20.59
CA ARG A 631 33.65 -0.22 -21.12
C ARG A 631 32.87 0.66 -22.10
N LYS A 632 32.10 0.02 -22.98
CA LYS A 632 31.27 0.75 -23.93
C LYS A 632 30.27 1.65 -23.20
N GLY A 633 29.65 1.11 -22.17
CA GLY A 633 28.73 1.87 -21.34
C GLY A 633 29.36 3.09 -20.71
N TRP A 634 30.57 2.94 -20.19
CA TRP A 634 31.31 4.06 -19.58
C TRP A 634 31.74 5.12 -20.60
N GLU A 635 32.17 4.67 -21.79
CA GLU A 635 32.54 5.58 -22.86
C GLU A 635 31.33 6.42 -23.31
N ASP A 636 30.21 5.75 -23.58
CA ASP A 636 29.03 6.45 -24.06
C ASP A 636 28.57 7.50 -23.04
N TYR A 637 28.62 7.12 -21.76
CA TYR A 637 28.28 8.01 -20.65
C TYR A 637 29.18 9.26 -20.61
N LEU A 638 30.50 9.03 -20.53
CA LEU A 638 31.43 10.16 -20.44
C LEU A 638 31.54 10.97 -21.73
N LEU A 639 31.39 10.33 -22.88
CA LEU A 639 31.29 11.07 -24.14
C LEU A 639 30.05 11.98 -24.09
N GLY A 640 29.02 11.52 -23.39
CA GLY A 640 27.83 12.33 -23.15
C GLY A 640 28.15 13.57 -22.33
N TYR A 641 28.89 13.39 -21.23
CA TYR A 641 29.40 14.51 -20.45
C TYR A 641 30.22 15.48 -21.29
N TYR A 642 31.07 14.93 -22.16
CA TYR A 642 31.94 15.76 -22.97
C TYR A 642 31.14 16.60 -23.98
N GLU A 643 30.12 15.99 -24.59
CA GLU A 643 29.24 16.73 -25.48
C GLU A 643 28.61 17.91 -24.74
N GLU A 644 28.14 17.65 -23.52
CA GLU A 644 27.57 18.69 -22.67
C GLU A 644 28.60 19.74 -22.32
N ALA A 645 29.83 19.29 -22.10
CA ALA A 645 30.91 20.22 -21.74
C ALA A 645 31.22 21.16 -22.90
N GLU A 646 31.15 20.65 -24.12
CA GLU A 646 31.31 21.48 -25.30
C GLU A 646 30.20 22.52 -25.38
N TRP A 647 28.98 22.10 -25.08
CA TRP A 647 27.86 23.05 -25.09
C TRP A 647 28.10 24.17 -24.10
N LEU A 648 28.47 23.81 -22.88
CA LEU A 648 28.71 24.79 -21.83
C LEU A 648 29.80 25.79 -22.24
N ALA A 649 30.86 25.29 -22.87
CA ALA A 649 31.99 26.12 -23.26
C ALA A 649 31.59 27.08 -24.38
N ALA A 650 30.69 26.63 -25.25
CA ALA A 650 30.24 27.42 -26.38
C ALA A 650 29.00 28.24 -26.02
N GLU A 651 28.54 28.12 -24.78
CA GLU A 651 27.30 28.75 -24.36
C GLU A 651 26.14 28.38 -25.29
N TYR A 652 26.15 27.14 -25.76
CA TYR A 652 25.12 26.62 -26.64
C TYR A 652 23.92 26.13 -25.84
N VAL A 653 22.73 26.57 -26.24
CA VAL A 653 21.51 26.04 -25.65
C VAL A 653 20.87 25.05 -26.62
N PRO A 654 20.85 23.76 -26.23
CA PRO A 654 20.35 22.73 -27.14
C PRO A 654 18.84 22.82 -27.31
N THR A 655 18.33 22.20 -28.38
CA THR A 655 16.90 22.01 -28.51
C THR A 655 16.48 21.06 -27.40
N LEU A 656 15.19 20.97 -27.13
CA LEU A 656 14.74 20.02 -26.11
C LEU A 656 15.06 18.59 -26.51
N ASP A 657 14.80 18.25 -27.78
CA ASP A 657 15.15 16.93 -28.28
C ASP A 657 16.63 16.59 -28.03
N GLU A 658 17.52 17.55 -28.32
CA GLU A 658 18.96 17.35 -28.08
C GLU A 658 19.29 17.17 -26.61
N TYR A 659 18.67 17.99 -25.77
CA TYR A 659 18.94 18.00 -24.33
C TYR A 659 18.56 16.68 -23.70
N ILE A 660 17.37 16.20 -24.05
CA ILE A 660 16.88 14.95 -23.52
C ILE A 660 17.69 13.76 -24.04
N LYS A 661 18.00 13.79 -25.33
CA LYS A 661 18.84 12.76 -25.93
C LYS A 661 20.17 12.66 -25.17
N ASN A 662 20.85 13.79 -25.02
CA ASN A 662 22.11 13.84 -24.28
C ASN A 662 21.93 13.43 -22.81
N GLY A 663 20.87 13.98 -22.19
CA GLY A 663 20.58 13.74 -20.79
C GLY A 663 20.32 12.29 -20.44
N ILE A 664 19.58 11.58 -21.27
CA ILE A 664 19.33 10.16 -21.05
C ILE A 664 20.66 9.38 -20.99
N THR A 665 21.59 9.77 -21.86
CA THR A 665 22.90 9.13 -21.92
C THR A 665 23.83 9.64 -20.83
N SER A 666 23.80 10.93 -20.54
CA SER A 666 24.83 11.52 -19.70
C SER A 666 24.49 11.67 -18.22
N ILE A 667 23.23 11.52 -17.84
CA ILE A 667 22.89 11.77 -16.45
C ILE A 667 23.56 10.72 -15.53
N GLY A 668 23.83 9.53 -16.06
CA GLY A 668 24.66 8.56 -15.35
C GLY A 668 23.95 7.39 -14.69
N GLN A 669 22.62 7.42 -14.65
CA GLN A 669 21.82 6.38 -14.01
C GLN A 669 22.00 5.05 -14.71
N ARG A 670 22.15 5.07 -16.03
CA ARG A 670 22.23 3.80 -16.75
C ARG A 670 23.42 2.95 -16.32
N ILE A 671 24.61 3.54 -16.32
CA ILE A 671 25.82 2.78 -16.01
C ILE A 671 25.88 2.42 -14.51
N LEU A 672 25.30 3.30 -13.69
CA LEU A 672 25.20 3.04 -12.26
C LEU A 672 24.29 1.85 -11.95
N LEU A 673 23.12 1.84 -12.57
CA LEU A 673 22.16 0.75 -12.42
C LEU A 673 22.77 -0.57 -12.90
N LEU A 674 23.45 -0.53 -14.04
CA LEU A 674 24.12 -1.72 -14.56
C LEU A 674 25.17 -2.24 -13.60
N SER A 675 25.85 -1.31 -12.93
CA SER A 675 26.92 -1.67 -11.99
C SER A 675 26.38 -2.39 -10.76
N GLY A 676 25.09 -2.24 -10.49
CA GLY A 676 24.47 -2.94 -9.36
C GLY A 676 23.70 -4.19 -9.79
N VAL A 677 22.92 -4.03 -10.86
CA VAL A 677 21.95 -5.07 -11.26
C VAL A 677 22.59 -6.36 -11.79
N LEU A 678 23.82 -6.26 -12.29
CA LEU A 678 24.55 -7.41 -12.81
C LEU A 678 25.34 -8.19 -11.76
N ILE A 679 25.32 -7.70 -10.52
CA ILE A 679 26.06 -8.36 -9.44
C ILE A 679 25.15 -8.66 -8.25
N MET A 680 23.94 -9.13 -8.56
CA MET A 680 23.01 -9.52 -7.51
C MET A 680 23.07 -11.02 -7.30
N ASP A 681 23.39 -11.39 -6.07
CA ASP A 681 23.63 -12.78 -5.70
C ASP A 681 22.53 -13.70 -6.25
N GLY A 682 22.91 -14.63 -7.12
CA GLY A 682 22.00 -15.63 -7.66
C GLY A 682 21.12 -15.18 -8.82
N GLN A 683 21.34 -13.96 -9.30
CA GLN A 683 20.43 -13.41 -10.32
C GLN A 683 21.07 -13.38 -11.70
N LEU A 684 20.77 -14.39 -12.50
CA LEU A 684 21.42 -14.55 -13.81
C LEU A 684 20.74 -13.74 -14.90
N LEU A 685 21.52 -12.93 -15.60
CA LEU A 685 21.02 -12.12 -16.71
C LEU A 685 21.78 -12.39 -17.98
N SER A 686 21.19 -13.15 -18.89
CA SER A 686 21.75 -13.34 -20.22
C SER A 686 21.74 -11.99 -20.93
N GLN A 687 22.47 -11.90 -22.04
CA GLN A 687 22.41 -10.70 -22.88
C GLN A 687 20.96 -10.46 -23.28
N GLU A 688 20.26 -11.55 -23.62
CA GLU A 688 18.89 -11.44 -24.07
C GLU A 688 18.02 -10.85 -22.95
N ALA A 689 18.18 -11.38 -21.75
CA ALA A 689 17.36 -10.90 -20.63
C ALA A 689 17.73 -9.47 -20.30
N LEU A 690 19.03 -9.17 -20.29
CA LEU A 690 19.49 -7.82 -19.98
C LEU A 690 18.91 -6.81 -20.95
N GLU A 691 18.88 -7.16 -22.23
CA GLU A 691 18.35 -6.24 -23.23
C GLU A 691 16.87 -5.91 -23.03
N LYS A 692 16.17 -6.73 -22.26
CA LYS A 692 14.77 -6.45 -21.95
C LYS A 692 14.61 -5.30 -20.98
N VAL A 693 15.65 -5.05 -20.17
CA VAL A 693 15.61 -3.98 -19.17
C VAL A 693 16.64 -2.88 -19.42
N ASP A 694 17.53 -3.09 -20.38
CA ASP A 694 18.58 -2.13 -20.67
C ASP A 694 18.90 -2.15 -22.15
N TYR A 695 18.66 -1.02 -22.81
CA TYR A 695 18.84 -0.94 -24.25
C TYR A 695 18.75 0.51 -24.71
N PRO A 696 19.90 1.20 -24.73
CA PRO A 696 19.88 2.62 -25.06
C PRO A 696 19.08 2.87 -26.33
N GLY A 697 18.23 3.89 -26.31
CA GLY A 697 17.39 4.19 -27.46
C GLY A 697 16.02 3.54 -27.40
N ARG A 698 15.82 2.65 -26.42
CA ARG A 698 14.52 2.01 -26.22
C ARG A 698 13.92 2.33 -24.86
N ARG A 699 12.60 2.32 -24.80
CA ARG A 699 11.89 2.65 -23.57
C ARG A 699 11.82 1.46 -22.60
N VAL A 700 13.00 1.01 -22.19
CA VAL A 700 13.14 -0.05 -21.20
C VAL A 700 13.54 0.57 -19.86
N LEU A 701 13.59 -0.26 -18.81
CA LEU A 701 13.77 0.23 -17.44
C LEU A 701 14.93 1.23 -17.24
N THR A 702 16.12 0.90 -17.72
CA THR A 702 17.25 1.80 -17.49
C THR A 702 17.06 3.11 -18.26
N GLU A 703 16.40 3.04 -19.40
CA GLU A 703 16.24 4.23 -20.23
C GLU A 703 15.22 5.16 -19.58
N LEU A 704 14.13 4.55 -19.12
CA LEU A 704 13.03 5.29 -18.50
C LEU A 704 13.48 5.91 -17.19
N ASN A 705 14.25 5.17 -16.42
CA ASN A 705 14.83 5.71 -15.19
C ASN A 705 15.69 6.93 -15.51
N SER A 706 16.53 6.82 -16.52
CA SER A 706 17.40 7.94 -16.87
C SER A 706 16.58 9.16 -17.27
N LEU A 707 15.57 8.94 -18.11
CA LEU A 707 14.69 10.01 -18.57
C LEU A 707 13.97 10.66 -17.40
N ILE A 708 13.38 9.83 -16.55
CA ILE A 708 12.64 10.31 -15.39
C ILE A 708 13.55 11.08 -14.44
N SER A 709 14.74 10.54 -14.21
CA SER A 709 15.71 11.19 -13.34
C SER A 709 16.07 12.60 -13.85
N ARG A 710 16.44 12.69 -15.12
CA ARG A 710 16.79 13.97 -15.72
C ARG A 710 15.67 15.01 -15.59
N LEU A 711 14.46 14.62 -15.96
CA LEU A 711 13.33 15.55 -15.97
C LEU A 711 12.79 15.85 -14.58
N ALA A 712 12.72 14.83 -13.71
CA ALA A 712 12.32 15.07 -12.34
C ALA A 712 13.30 16.02 -11.67
N ASP A 713 14.58 15.78 -11.89
CA ASP A 713 15.58 16.71 -11.38
C ASP A 713 15.32 18.12 -11.90
N ASP A 714 15.13 18.26 -13.21
CA ASP A 714 14.88 19.58 -13.79
C ASP A 714 13.70 20.29 -13.13
N THR A 715 12.60 19.55 -12.93
CA THR A 715 11.40 20.13 -12.34
C THR A 715 11.64 20.57 -10.90
N LYS A 716 12.59 19.91 -10.24
CA LYS A 716 12.88 20.20 -8.85
C LYS A 716 13.93 21.31 -8.68
N THR A 717 14.73 21.56 -9.71
CA THR A 717 15.96 22.33 -9.54
C THR A 717 16.21 23.48 -10.53
N TYR A 718 15.49 23.52 -11.64
CA TYR A 718 15.84 24.44 -12.72
C TYR A 718 15.86 25.93 -12.33
N LYS A 719 15.11 26.29 -11.29
CA LYS A 719 15.00 27.70 -10.91
C LYS A 719 16.21 28.20 -10.13
N ALA A 720 16.76 27.35 -9.26
CA ALA A 720 17.99 27.70 -8.55
C ALA A 720 19.14 27.79 -9.53
N GLU A 721 19.13 26.89 -10.51
CA GLU A 721 20.17 26.84 -11.53
C GLU A 721 20.08 28.01 -12.49
N LYS A 722 18.85 28.40 -12.82
CA LYS A 722 18.63 29.57 -13.66
C LYS A 722 19.19 30.81 -12.96
N ALA A 723 18.84 30.97 -11.68
CA ALA A 723 19.29 32.10 -10.90
C ALA A 723 20.82 32.16 -10.80
N ARG A 724 21.45 31.00 -10.61
CA ARG A 724 22.91 30.93 -10.53
C ARG A 724 23.58 31.23 -11.88
N GLY A 725 22.79 31.20 -12.95
CA GLY A 725 23.31 31.44 -14.28
C GLY A 725 23.77 30.17 -14.97
N GLU A 726 23.39 29.02 -14.42
CA GLU A 726 23.79 27.74 -14.98
C GLU A 726 23.29 27.53 -16.41
N LEU A 727 23.91 26.59 -17.11
CA LEU A 727 23.49 26.21 -18.45
C LEU A 727 22.04 25.78 -18.45
N ALA A 728 21.37 25.99 -19.58
CA ALA A 728 19.95 25.67 -19.71
C ALA A 728 19.59 24.26 -19.27
N SER A 729 18.38 24.13 -18.70
CA SER A 729 17.76 22.85 -18.40
C SER A 729 16.69 22.54 -19.45
N SER A 730 15.89 21.51 -19.18
CA SER A 730 14.84 21.12 -20.12
C SER A 730 13.83 22.25 -20.28
N ILE A 731 13.47 22.88 -19.17
CA ILE A 731 12.61 24.06 -19.23
C ILE A 731 13.15 25.11 -20.20
N GLU A 732 14.39 25.53 -19.99
CA GLU A 732 14.95 26.62 -20.80
C GLU A 732 15.03 26.20 -22.25
N CYS A 733 15.35 24.92 -22.49
CA CYS A 733 15.49 24.43 -23.86
C CYS A 733 14.17 24.51 -24.61
N TYR A 734 13.09 24.13 -23.93
CA TYR A 734 11.74 24.19 -24.50
C TYR A 734 11.38 25.64 -24.87
N MET A 735 11.73 26.56 -23.98
CA MET A 735 11.42 27.98 -24.20
C MET A 735 12.20 28.57 -25.37
N LYS A 736 13.39 28.05 -25.63
CA LYS A 736 14.12 28.48 -26.82
C LYS A 736 13.46 27.89 -28.07
N ASP A 737 12.99 26.64 -27.95
CA ASP A 737 12.24 26.01 -29.03
C ASP A 737 10.92 26.74 -29.30
N HIS A 738 10.35 27.33 -28.26
CA HIS A 738 9.04 27.97 -28.35
C HIS A 738 9.04 29.36 -27.73
N PRO A 739 9.67 30.32 -28.43
CA PRO A 739 9.96 31.70 -28.01
C PRO A 739 8.75 32.41 -27.40
N GLU A 740 7.55 32.07 -27.85
CA GLU A 740 6.34 32.75 -27.38
C GLU A 740 5.75 32.11 -26.13
N CYS A 741 6.06 30.84 -25.92
CA CYS A 741 5.55 30.10 -24.76
C CYS A 741 6.12 30.66 -23.46
N THR A 742 5.34 30.55 -22.39
CA THR A 742 5.75 31.01 -21.08
C THR A 742 6.52 29.94 -20.33
N GLU A 743 7.23 30.36 -19.29
CA GLU A 743 7.91 29.43 -18.39
C GLU A 743 6.93 28.40 -17.85
N GLU A 744 5.72 28.87 -17.52
CA GLU A 744 4.69 28.00 -16.97
C GLU A 744 4.29 26.89 -17.94
N GLU A 745 4.02 27.26 -19.20
CA GLU A 745 3.70 26.28 -20.22
C GLU A 745 4.87 25.30 -20.36
N ALA A 746 6.09 25.83 -20.31
CA ALA A 746 7.29 25.02 -20.44
C ALA A 746 7.35 23.93 -19.37
N LEU A 747 7.15 24.31 -18.12
CA LEU A 747 7.14 23.36 -17.02
C LEU A 747 6.02 22.33 -17.18
N ASP A 748 4.86 22.77 -17.63
CA ASP A 748 3.73 21.88 -17.87
C ASP A 748 4.11 20.84 -18.91
N HIS A 749 4.87 21.27 -19.92
CA HIS A 749 5.26 20.35 -20.97
C HIS A 749 6.22 19.27 -20.44
N ILE A 750 7.15 19.68 -19.60
CA ILE A 750 8.08 18.71 -19.00
C ILE A 750 7.30 17.62 -18.24
N TYR A 751 6.33 18.04 -17.44
CA TYR A 751 5.47 17.08 -16.74
C TYR A 751 4.67 16.18 -17.70
N SER A 752 4.32 16.70 -18.87
CA SER A 752 3.58 15.90 -19.86
C SER A 752 4.45 14.80 -20.45
N ILE A 753 5.76 14.95 -20.30
CA ILE A 753 6.70 13.91 -20.71
C ILE A 753 6.95 12.95 -19.54
N LEU A 754 7.05 13.50 -18.34
CA LEU A 754 7.37 12.72 -17.14
C LEU A 754 6.27 11.70 -16.84
N GLU A 755 5.02 12.15 -16.89
CA GLU A 755 3.89 11.32 -16.45
C GLU A 755 3.69 10.03 -17.26
N PRO A 756 3.65 10.13 -18.61
CA PRO A 756 3.64 8.92 -19.45
C PRO A 756 4.82 8.00 -19.14
N ALA A 757 6.02 8.58 -18.97
CA ALA A 757 7.22 7.80 -18.69
C ALA A 757 7.10 7.00 -17.39
N VAL A 758 6.50 7.61 -16.38
CA VAL A 758 6.30 6.94 -15.11
C VAL A 758 5.35 5.74 -15.25
N LYS A 759 4.31 5.88 -16.07
CA LYS A 759 3.40 4.75 -16.30
C LYS A 759 4.09 3.60 -17.04
N GLU A 760 4.90 3.93 -18.05
CA GLU A 760 5.70 2.91 -18.76
C GLU A 760 6.67 2.21 -17.81
N LEU A 761 7.33 2.99 -16.96
CA LEU A 761 8.23 2.42 -15.93
C LEU A 761 7.50 1.33 -15.14
N THR A 762 6.31 1.67 -14.68
CA THR A 762 5.49 0.79 -13.88
C THR A 762 5.14 -0.49 -14.62
N ARG A 763 4.74 -0.34 -15.88
CA ARG A 763 4.40 -1.50 -16.70
C ARG A 763 5.65 -2.38 -16.95
N GLU A 764 6.77 -1.74 -17.25
CA GLU A 764 8.01 -2.50 -17.49
C GLU A 764 8.41 -3.28 -16.24
N PHE A 765 8.25 -2.66 -15.08
CA PHE A 765 8.53 -3.33 -13.82
C PHE A 765 7.65 -4.55 -13.62
N LEU A 766 6.34 -4.36 -13.67
CA LEU A 766 5.39 -5.40 -13.28
C LEU A 766 5.09 -6.43 -14.38
N LYS A 767 5.34 -6.05 -15.63
CA LYS A 767 5.15 -6.93 -16.78
C LYS A 767 5.67 -8.35 -16.55
N PRO A 768 4.86 -9.35 -16.91
CA PRO A 768 5.34 -10.73 -16.85
C PRO A 768 6.37 -10.98 -17.94
N ASP A 769 7.46 -11.64 -17.57
CA ASP A 769 8.55 -11.94 -18.50
C ASP A 769 9.52 -12.90 -17.81
N ASP A 770 10.63 -13.21 -18.46
CA ASP A 770 11.60 -14.13 -17.87
C ASP A 770 12.86 -13.43 -17.37
N VAL A 771 12.74 -12.14 -17.09
CA VAL A 771 13.81 -11.41 -16.42
C VAL A 771 13.69 -11.68 -14.93
N PRO A 772 14.79 -12.11 -14.28
CA PRO A 772 14.73 -12.33 -12.83
C PRO A 772 14.07 -11.14 -12.16
N PHE A 773 13.02 -11.38 -11.38
CA PHE A 773 12.25 -10.26 -10.84
C PHE A 773 13.06 -9.38 -9.91
N ALA A 774 13.98 -9.98 -9.14
CA ALA A 774 14.84 -9.21 -8.24
C ALA A 774 15.60 -8.12 -8.99
N CYS A 775 15.99 -8.41 -10.23
CA CYS A 775 16.72 -7.42 -11.03
C CYS A 775 15.80 -6.26 -11.43
N LYS A 776 14.59 -6.59 -11.87
CA LYS A 776 13.64 -5.56 -12.27
C LYS A 776 13.28 -4.72 -11.04
N LYS A 777 13.09 -5.39 -9.91
CA LYS A 777 12.75 -4.69 -8.68
C LYS A 777 13.89 -3.75 -8.23
N MET A 778 15.12 -4.20 -8.39
CA MET A 778 16.28 -3.37 -8.03
C MET A 778 16.26 -2.08 -8.87
N LEU A 779 16.02 -2.23 -10.15
CA LEU A 779 15.98 -1.06 -11.05
C LEU A 779 14.81 -0.14 -10.68
N PHE A 780 13.64 -0.73 -10.46
CA PHE A 780 12.45 0.05 -10.16
C PHE A 780 12.58 0.80 -8.83
N GLU A 781 13.06 0.09 -7.80
CA GLU A 781 13.18 0.67 -6.46
C GLU A 781 14.21 1.78 -6.42
N GLU A 782 15.27 1.67 -7.22
CA GLU A 782 16.24 2.77 -7.28
C GLU A 782 15.56 3.99 -7.91
N THR A 783 14.74 3.74 -8.93
CA THR A 783 13.98 4.81 -9.54
C THR A 783 13.04 5.46 -8.51
N ARG A 784 12.37 4.64 -7.71
CA ARG A 784 11.42 5.16 -6.72
C ARG A 784 12.13 6.05 -5.70
N VAL A 785 13.29 5.62 -5.21
CA VAL A 785 14.04 6.44 -4.28
C VAL A 785 14.56 7.72 -4.92
N THR A 786 14.97 7.64 -6.19
CA THR A 786 15.33 8.84 -6.93
C THR A 786 14.15 9.81 -6.99
N MET A 787 12.95 9.28 -7.22
CA MET A 787 11.77 10.12 -7.38
C MET A 787 11.39 10.81 -6.07
N VAL A 788 11.72 10.17 -4.96
CA VAL A 788 11.51 10.77 -3.65
C VAL A 788 12.33 12.05 -3.50
N ILE A 789 13.58 11.98 -3.91
CA ILE A 789 14.48 13.12 -3.80
C ILE A 789 14.01 14.32 -4.62
N PHE A 790 13.35 14.07 -5.74
CA PHE A 790 12.93 15.12 -6.65
C PHE A 790 11.42 15.39 -6.65
N LYS A 791 10.70 14.85 -5.66
CA LYS A 791 9.25 15.02 -5.60
C LYS A 791 8.83 16.46 -5.32
N ASP A 792 7.68 16.84 -5.87
CA ASP A 792 7.15 18.19 -5.69
C ASP A 792 8.11 19.23 -6.26
N GLY A 793 8.30 19.18 -7.58
CA GLY A 793 9.21 20.09 -8.25
C GLY A 793 8.69 21.50 -8.37
N ASP A 794 9.14 22.36 -7.46
CA ASP A 794 8.84 23.79 -7.53
C ASP A 794 9.97 24.54 -8.21
N GLY A 795 11.09 23.85 -8.43
CA GLY A 795 12.23 24.42 -9.14
C GLY A 795 13.30 24.98 -8.24
N PHE A 796 12.99 25.11 -6.96
CA PHE A 796 13.88 25.77 -6.01
C PHE A 796 15.17 24.98 -5.72
N GLY A 797 15.06 23.66 -5.72
CA GLY A 797 16.19 22.80 -5.45
C GLY A 797 15.83 21.67 -4.52
N VAL A 798 16.76 20.75 -4.33
CA VAL A 798 16.55 19.60 -3.45
C VAL A 798 16.79 20.00 -1.99
N SER A 799 15.97 19.46 -1.10
CA SER A 799 16.12 19.72 0.32
C SER A 799 17.15 18.78 0.94
N LYS A 800 18.32 19.34 1.27
CA LYS A 800 19.39 18.53 1.85
C LYS A 800 19.04 18.02 3.24
N LEU A 801 18.15 18.73 3.92
CA LEU A 801 17.75 18.35 5.27
C LEU A 801 16.75 17.20 5.26
N GLU A 802 15.88 17.17 4.25
CA GLU A 802 14.93 16.09 4.12
C GLU A 802 15.65 14.81 3.75
N VAL A 803 16.70 14.93 2.94
CA VAL A 803 17.54 13.79 2.59
C VAL A 803 18.14 13.19 3.85
N LYS A 804 18.76 14.03 4.67
CA LYS A 804 19.37 13.58 5.92
C LYS A 804 18.35 12.89 6.83
N ASP A 805 17.16 13.45 6.91
CA ASP A 805 16.11 12.86 7.74
C ASP A 805 15.71 11.45 7.26
N HIS A 806 15.63 11.28 5.95
CA HIS A 806 15.32 9.97 5.38
C HIS A 806 16.43 8.97 5.71
N ILE A 807 17.68 9.42 5.62
CA ILE A 807 18.80 8.54 5.95
C ILE A 807 18.76 8.16 7.43
N LYS A 808 18.54 9.15 8.30
CA LYS A 808 18.38 8.90 9.72
C LYS A 808 17.29 7.87 10.00
N GLU A 809 16.13 8.07 9.37
CA GLU A 809 14.96 7.23 9.62
C GLU A 809 15.21 5.82 9.10
N CYS A 810 15.80 5.74 7.91
CA CYS A 810 15.97 4.47 7.22
C CYS A 810 17.11 3.64 7.81
N LEU A 811 18.26 4.27 8.05
CA LEU A 811 19.50 3.57 8.34
C LEU A 811 20.12 3.77 9.73
N ILE A 812 19.76 4.85 10.42
CA ILE A 812 20.43 5.17 11.67
C ILE A 812 19.63 4.78 12.91
N GLU A 813 18.35 5.14 12.93
CA GLU A 813 17.54 4.97 14.15
C GLU A 813 16.69 3.69 14.10
N PRO A 814 16.94 2.78 15.05
CA PRO A 814 16.17 1.54 15.05
C PRO A 814 14.78 1.74 15.62
N LEU A 815 13.92 0.75 15.41
CA LEU A 815 12.61 0.75 16.04
C LEU A 815 12.73 0.27 17.47
N PRO A 816 12.06 0.97 18.40
CA PRO A 816 12.00 0.44 19.76
C PRO A 816 11.15 -0.82 19.74
N LEU A 817 11.52 -1.86 20.48
CA LEU A 817 10.82 -3.14 20.38
C LEU A 817 9.64 -3.28 21.35
CL CL B . -8.26 -0.17 17.20
MG MG C . 26.55 18.36 -11.85
MG MG D . 19.02 20.14 -11.79
MG MG E . 26.30 17.31 -14.58
C1 FPS F . 23.00 14.85 -11.96
S1 FPS F . 22.85 16.49 -11.20
C2 FPS F . 22.62 13.80 -10.93
C3 FPS F . 21.36 13.46 -10.73
C4 FPS F . 20.26 14.11 -11.53
C5 FPS F . 21.01 12.48 -9.63
C6 FPS F . 20.46 11.19 -10.26
C7 FPS F . 21.53 10.58 -11.14
C8 FPS F . 22.30 9.62 -10.68
C10 FPS F . 23.35 8.99 -11.58
C9 FPS F . 21.98 9.00 -9.34
C11 FPS F . 24.74 9.16 -10.98
C12 FPS F . 25.24 10.57 -11.13
C13 FPS F . 25.72 11.22 -10.09
C14 FPS F . 25.99 12.70 -10.17
C15 FPS F . 25.83 10.49 -8.78
PA FPS F . 23.47 17.70 -12.81
O1A FPS F . 24.96 17.67 -12.95
O2A FPS F . 22.87 17.15 -14.20
O3A FPS F . 22.97 19.19 -12.49
C1 GOL G . -13.03 -1.08 6.51
O1 GOL G . -11.92 -1.89 6.21
C2 GOL G . -14.15 -1.99 6.98
O2 GOL G . -14.94 -2.35 5.87
C3 GOL G . -15.01 -1.29 8.03
O3 GOL G . -14.22 -0.97 9.18
#